data_3C0O
#
_entry.id   3C0O
#
_cell.length_a   70.954
_cell.length_b   90.780
_cell.length_c   165.805
_cell.angle_alpha   90.00
_cell.angle_beta   90.00
_cell.angle_gamma   90.00
#
_symmetry.space_group_name_H-M   'P 21 21 21'
#
loop_
_entity.id
_entity.type
_entity.pdbx_description
1 polymer Aerolysin
2 non-polymer 'ACETATE ION'
3 non-polymer 6-O-phosphono-alpha-D-mannopyranose
4 water water
#
_entity_poly.entity_id   1
_entity_poly.type   'polypeptide(L)'
_entity_poly.pdbx_seq_one_letter_code
;AEPVYPDQLRLFSLGQGVCGDKYRPVNREEAQSVKSNIVGMMGQWQISGLANGWVIMGPGYNGEIKPGTASNTWCYPTNP
VTGEIPTLSALDIPDGDEVDVQWRLVHDSANFIKPTSYLAHYLGYAWVGGNHSQYVGEDMDVTRDGDGWVIRGNNDGGCD
GYRCGDKTAIKVSNFAYNLDPDSFKHGDVTQSDRQLVKTVVGWAVNDSDTPQSGYDVTLRGDTATNWSKTNTYGLSEKVT
TKNKFKWPLVGETELSIEIAANQSWASQNGGSTTTSLSQSVRPTVPARSKIPVKIELYKADISYPYEFKADVSYDLTLSG
FLRWGGNAWYTHPDNRPNWNHTFVIGPYKDKASSIRYQWDKRYIPGEVKWWDWNWTIQQNGLSTMQNNLARVLRPVRAGI
TGDFSAESQFAGNIEIGAPVPLAADSKVRRARSVDGAGQGLRLEIPLDAQELSGLGFNNVSLSVTPAANQ
;
_entity_poly.pdbx_strand_id   A,B
#
# COMPACT_ATOMS: atom_id res chain seq x y z
N GLU A 2 -20.26 13.79 -5.37
CA GLU A 2 -19.43 14.90 -5.96
C GLU A 2 -18.07 15.06 -5.25
N PRO A 3 -17.37 13.94 -5.02
CA PRO A 3 -16.01 14.04 -4.44
C PRO A 3 -15.03 14.38 -5.54
N VAL A 4 -13.83 14.83 -5.15
CA VAL A 4 -12.80 15.06 -6.13
C VAL A 4 -12.20 13.73 -6.49
N TYR A 5 -12.07 13.41 -7.79
CA TYR A 5 -11.46 12.11 -8.17
C TYR A 5 -9.94 12.17 -8.43
N PRO A 6 -9.15 11.59 -7.52
CA PRO A 6 -7.70 11.76 -7.62
C PRO A 6 -7.20 11.56 -9.06
N ASP A 7 -7.89 10.70 -9.79
CA ASP A 7 -7.58 10.32 -11.17
C ASP A 7 -7.61 11.45 -12.14
N GLN A 8 -8.46 12.40 -11.82
CA GLN A 8 -8.66 13.50 -12.73
C GLN A 8 -7.80 14.71 -12.38
N LEU A 9 -7.00 14.62 -11.32
CA LEU A 9 -6.11 15.70 -10.95
C LEU A 9 -4.99 15.86 -11.96
N ARG A 10 -4.59 17.07 -12.25
CA ARG A 10 -3.48 17.24 -13.13
C ARG A 10 -2.69 18.42 -12.59
N LEU A 11 -1.35 18.31 -12.60
CA LEU A 11 -0.39 19.32 -12.19
C LEU A 11 0.11 20.08 -13.39
N PHE A 12 0.05 21.40 -13.32
CA PHE A 12 0.34 22.28 -14.42
C PHE A 12 1.49 23.14 -14.00
N SER A 13 2.43 23.43 -14.89
CA SER A 13 3.55 24.25 -14.44
C SER A 13 3.51 25.47 -15.33
N LEU A 14 2.63 26.41 -15.00
CA LEU A 14 2.32 27.48 -15.92
C LEU A 14 2.30 28.77 -15.14
N GLY A 15 3.09 28.87 -14.08
CA GLY A 15 3.04 30.09 -13.24
C GLY A 15 1.96 30.10 -12.19
N GLN A 16 2.17 30.95 -11.20
CA GLN A 16 1.34 30.96 -10.01
C GLN A 16 -0.12 31.07 -10.41
N GLY A 17 -0.91 30.07 -10.02
CA GLY A 17 -2.36 30.14 -10.00
C GLY A 17 -3.02 29.60 -11.25
N VAL A 18 -2.20 29.31 -12.26
CA VAL A 18 -2.65 29.02 -13.62
C VAL A 18 -2.83 27.55 -13.94
N CYS A 19 -4.02 27.24 -14.52
CA CYS A 19 -4.32 25.93 -14.99
C CYS A 19 -4.45 25.93 -16.50
N GLY A 20 -4.33 24.75 -17.09
CA GLY A 20 -4.52 24.58 -18.54
C GLY A 20 -5.98 24.78 -18.82
N ASP A 21 -6.32 25.08 -20.07
CA ASP A 21 -7.71 25.32 -20.40
C ASP A 21 -8.47 24.12 -19.88
N LYS A 22 -9.69 24.38 -19.41
CA LYS A 22 -10.61 23.34 -19.01
C LYS A 22 -10.38 22.92 -17.56
N TYR A 23 -9.32 23.42 -16.93
CA TYR A 23 -9.06 23.05 -15.53
C TYR A 23 -9.12 24.23 -14.59
N ARG A 24 -9.16 23.96 -13.28
CA ARG A 24 -9.33 24.98 -12.30
C ARG A 24 -8.49 24.55 -11.09
N PRO A 25 -8.01 25.50 -10.28
CA PRO A 25 -7.21 25.01 -9.15
C PRO A 25 -8.04 24.29 -8.07
N VAL A 26 -7.47 23.21 -7.53
CA VAL A 26 -7.95 22.45 -6.40
C VAL A 26 -7.84 23.31 -5.15
N ASN A 27 -8.92 23.43 -4.36
CA ASN A 27 -8.80 24.25 -3.16
C ASN A 27 -8.27 23.48 -1.95
N ARG A 28 -7.83 24.20 -0.94
CA ARG A 28 -7.30 23.55 0.23
C ARG A 28 -8.24 22.53 0.87
N GLU A 29 -9.56 22.69 0.80
CA GLU A 29 -10.44 21.68 1.43
C GLU A 29 -10.37 20.35 0.62
N GLU A 30 -10.42 20.47 -0.71
CA GLU A 30 -10.32 19.36 -1.63
C GLU A 30 -8.92 18.76 -1.55
N ALA A 31 -7.88 19.57 -1.47
CA ALA A 31 -6.55 18.95 -1.33
C ALA A 31 -6.61 18.08 -0.09
N GLN A 32 -7.23 18.62 0.95
CA GLN A 32 -7.21 17.89 2.19
C GLN A 32 -7.94 16.58 2.04
N SER A 33 -9.06 16.58 1.34
CA SER A 33 -9.86 15.34 1.26
C SER A 33 -9.17 14.22 0.45
N VAL A 34 -8.25 14.57 -0.45
CA VAL A 34 -7.51 13.53 -1.15
C VAL A 34 -6.05 13.65 -0.95
N LYS A 35 -5.65 14.09 0.22
CA LYS A 35 -4.23 14.36 0.45
C LYS A 35 -3.23 13.23 0.06
N SER A 36 -3.42 12.02 0.56
CA SER A 36 -2.42 11.02 0.36
C SER A 36 -2.31 10.75 -1.16
N ASN A 37 -3.41 10.91 -1.86
CA ASN A 37 -3.38 10.76 -3.33
C ASN A 37 -2.48 11.81 -3.95
N ILE A 38 -2.60 13.04 -3.50
CA ILE A 38 -1.87 14.12 -4.19
C ILE A 38 -0.36 14.01 -3.85
N VAL A 39 -0.12 13.71 -2.60
CA VAL A 39 1.21 13.66 -2.04
C VAL A 39 1.95 12.49 -2.70
N GLY A 40 1.24 11.43 -3.05
CA GLY A 40 1.94 10.30 -3.60
C GLY A 40 2.28 10.59 -5.05
N MET A 41 1.90 11.74 -5.59
CA MET A 41 2.24 12.03 -6.97
C MET A 41 3.36 13.04 -7.05
N MET A 42 4.00 13.34 -5.90
CA MET A 42 4.84 14.53 -5.65
C MET A 42 6.27 14.19 -5.33
N GLY A 43 7.18 15.04 -5.75
CA GLY A 43 8.54 14.89 -5.28
C GLY A 43 8.67 15.07 -3.75
N GLN A 44 9.67 14.42 -3.20
CA GLN A 44 9.92 14.51 -1.75
C GLN A 44 9.74 15.89 -1.25
N TRP A 45 10.43 16.89 -1.82
CA TRP A 45 10.29 18.24 -1.31
C TRP A 45 9.55 19.20 -2.24
N GLN A 46 8.83 18.67 -3.20
CA GLN A 46 8.06 19.49 -4.12
C GLN A 46 7.03 20.30 -3.34
N ILE A 47 6.81 21.54 -3.77
CA ILE A 47 5.78 22.38 -3.20
C ILE A 47 4.93 22.85 -4.36
N SER A 48 3.63 22.67 -4.25
CA SER A 48 2.71 22.88 -5.40
C SER A 48 1.47 23.70 -5.06
N GLY A 49 1.05 24.56 -6.01
CA GLY A 49 0.04 25.59 -5.71
C GLY A 49 -1.36 25.00 -5.57
N LEU A 50 -2.19 25.65 -4.76
CA LEU A 50 -3.59 25.37 -4.72
C LEU A 50 -4.29 26.71 -4.77
N ALA A 51 -5.62 26.70 -4.70
CA ALA A 51 -6.40 27.94 -4.82
C ALA A 51 -6.13 28.95 -3.73
N ASN A 52 -6.20 30.20 -4.18
CA ASN A 52 -6.17 31.32 -3.32
C ASN A 52 -4.98 31.35 -2.36
N GLY A 53 -3.80 31.24 -2.97
CA GLY A 53 -2.57 31.42 -2.22
C GLY A 53 -2.27 30.36 -1.16
N TRP A 54 -2.64 29.10 -1.47
CA TRP A 54 -2.31 27.96 -0.60
C TRP A 54 -1.44 27.04 -1.37
N VAL A 55 -0.72 26.18 -0.66
CA VAL A 55 0.09 25.19 -1.33
C VAL A 55 -0.01 23.91 -0.56
N ILE A 56 0.25 22.80 -1.28
CA ILE A 56 0.44 21.52 -0.60
C ILE A 56 1.91 21.11 -0.85
N MET A 57 2.51 20.51 0.17
CA MET A 57 3.91 20.11 0.17
C MET A 57 4.06 18.61 0.04
N GLY A 58 5.18 18.16 -0.49
CA GLY A 58 5.34 16.72 -0.81
C GLY A 58 5.57 15.86 0.41
N PRO A 59 5.75 14.58 0.19
CA PRO A 59 5.76 13.61 1.31
C PRO A 59 6.82 13.92 2.33
N GLY A 60 7.98 14.44 1.89
CA GLY A 60 9.05 14.80 2.79
C GLY A 60 8.56 15.77 3.83
N TYR A 61 7.59 16.58 3.45
CA TYR A 61 7.11 17.59 4.41
C TYR A 61 5.84 17.11 5.05
N ASN A 62 5.53 15.83 4.90
CA ASN A 62 4.32 15.31 5.56
C ASN A 62 3.02 15.80 4.95
N GLY A 63 3.05 16.24 3.72
CA GLY A 63 1.84 16.54 3.00
C GLY A 63 1.19 17.80 3.52
N GLU A 64 1.96 18.62 4.19
CA GLU A 64 1.39 19.79 4.88
C GLU A 64 0.72 20.76 3.88
N ILE A 65 -0.38 21.35 4.29
CA ILE A 65 -1.05 22.29 3.43
C ILE A 65 -1.06 23.61 4.10
N LYS A 66 -0.63 24.65 3.38
CA LYS A 66 -0.47 25.93 4.04
C LYS A 66 -0.37 27.08 3.05
N PRO A 67 -0.45 28.32 3.53
CA PRO A 67 -0.30 29.47 2.66
C PRO A 67 1.06 29.43 2.03
N GLY A 68 1.18 29.79 0.75
CA GLY A 68 2.50 29.86 0.17
C GLY A 68 2.27 30.14 -1.26
N THR A 69 3.32 30.35 -2.05
CA THR A 69 3.16 30.47 -3.48
C THR A 69 4.00 29.44 -4.14
N ALA A 70 3.53 28.96 -5.28
CA ALA A 70 4.32 27.97 -6.01
C ALA A 70 4.11 28.26 -7.48
N SER A 71 5.08 27.94 -8.33
CA SER A 71 4.91 28.28 -9.74
C SER A 71 4.18 27.18 -10.57
N ASN A 72 3.99 26.02 -9.95
CA ASN A 72 3.16 24.93 -10.47
C ASN A 72 1.89 24.79 -9.63
N THR A 73 0.83 24.22 -10.21
CA THR A 73 -0.48 24.23 -9.55
C THR A 73 -1.14 22.87 -9.71
N TRP A 74 -1.78 22.39 -8.65
CA TRP A 74 -2.59 21.19 -8.77
C TRP A 74 -3.98 21.57 -9.32
N CYS A 75 -4.40 21.01 -10.44
CA CYS A 75 -5.71 21.38 -10.97
C CYS A 75 -6.66 20.20 -11.13
N TYR A 76 -7.91 20.58 -11.30
CA TYR A 76 -9.00 19.63 -11.43
C TYR A 76 -9.87 20.11 -12.57
N PRO A 77 -10.58 19.22 -13.34
CA PRO A 77 -11.36 19.72 -14.48
C PRO A 77 -12.54 20.61 -14.05
N THR A 78 -12.82 21.69 -14.79
CA THR A 78 -14.06 22.45 -14.49
C THR A 78 -15.25 21.58 -14.76
N ASN A 79 -15.15 20.64 -15.73
CA ASN A 79 -16.25 19.70 -16.00
C ASN A 79 -15.79 18.22 -15.88
N PRO A 80 -15.61 17.73 -14.67
CA PRO A 80 -15.09 16.38 -14.54
C PRO A 80 -15.99 15.27 -15.11
N VAL A 81 -15.38 14.09 -15.38
CA VAL A 81 -16.16 12.92 -15.77
C VAL A 81 -16.69 12.44 -14.44
N THR A 82 -17.95 12.17 -14.35
CA THR A 82 -18.52 11.84 -13.08
C THR A 82 -18.74 10.35 -12.89
N GLY A 83 -19.32 9.96 -11.76
CA GLY A 83 -19.65 8.57 -11.49
C GLY A 83 -18.56 7.51 -11.68
N GLU A 84 -17.34 7.76 -11.29
CA GLU A 84 -16.31 6.70 -11.40
C GLU A 84 -16.82 5.45 -10.72
N ILE A 85 -16.45 4.29 -11.28
CA ILE A 85 -16.82 3.00 -10.73
C ILE A 85 -16.02 2.80 -9.48
N PRO A 86 -16.71 2.59 -8.36
CA PRO A 86 -15.90 2.51 -7.16
C PRO A 86 -15.05 1.24 -7.16
N THR A 87 -14.00 1.26 -6.33
CA THR A 87 -13.11 0.16 -6.14
C THR A 87 -13.40 -0.48 -4.75
N LEU A 88 -13.93 -1.70 -4.76
CA LEU A 88 -14.45 -2.31 -3.57
C LEU A 88 -13.30 -3.05 -2.98
N SER A 89 -13.38 -3.42 -1.73
CA SER A 89 -12.30 -4.23 -1.20
C SER A 89 -12.35 -5.64 -1.76
N ALA A 90 -11.20 -6.29 -1.66
CA ALA A 90 -10.94 -7.55 -2.31
C ALA A 90 -12.02 -8.55 -1.91
N LEU A 91 -12.46 -9.40 -2.83
CA LEU A 91 -13.14 -10.58 -2.36
C LEU A 91 -12.10 -11.66 -2.08
N ASP A 92 -12.08 -12.15 -0.85
CA ASP A 92 -11.02 -13.06 -0.42
C ASP A 92 -11.43 -14.51 -0.43
N ILE A 93 -10.79 -15.28 -1.30
CA ILE A 93 -11.11 -16.66 -1.36
C ILE A 93 -10.08 -17.38 -0.52
N PRO A 94 -10.58 -18.28 0.34
CA PRO A 94 -9.76 -19.05 1.27
C PRO A 94 -8.90 -20.04 0.47
N ASP A 95 -7.63 -20.14 0.83
CA ASP A 95 -6.64 -20.97 0.13
C ASP A 95 -7.30 -22.30 -0.22
N GLY A 96 -6.96 -22.84 -1.38
CA GLY A 96 -7.35 -24.21 -1.67
C GLY A 96 -6.60 -24.70 -2.88
N ASP A 97 -6.93 -25.88 -3.37
CA ASP A 97 -6.53 -26.23 -4.70
C ASP A 97 -7.15 -25.21 -5.69
N GLU A 98 -6.65 -25.19 -6.93
CA GLU A 98 -7.16 -24.33 -7.96
C GLU A 98 -8.60 -24.66 -8.25
N VAL A 99 -8.89 -25.94 -8.32
CA VAL A 99 -10.27 -26.28 -8.59
C VAL A 99 -11.17 -25.71 -7.46
N ASP A 100 -10.74 -25.77 -6.20
CA ASP A 100 -11.54 -25.18 -5.12
C ASP A 100 -11.74 -23.66 -5.29
N VAL A 101 -10.69 -22.97 -5.69
CA VAL A 101 -10.71 -21.51 -5.83
C VAL A 101 -11.60 -21.10 -7.02
N GLN A 102 -11.41 -21.74 -8.18
CA GLN A 102 -12.33 -21.51 -9.27
C GLN A 102 -13.75 -21.89 -8.92
N TRP A 103 -13.95 -23.03 -8.27
CA TRP A 103 -15.32 -23.48 -7.94
C TRP A 103 -16.05 -22.45 -7.14
N ARG A 104 -15.37 -21.93 -6.15
CA ARG A 104 -15.97 -21.04 -5.20
C ARG A 104 -16.31 -19.74 -5.89
N LEU A 105 -15.53 -19.37 -6.90
CA LEU A 105 -15.69 -18.04 -7.45
C LEU A 105 -16.91 -18.00 -8.40
N VAL A 106 -16.95 -18.90 -9.39
CA VAL A 106 -17.99 -18.89 -10.40
C VAL A 106 -19.32 -19.40 -9.82
N HIS A 107 -19.30 -20.02 -8.65
CA HIS A 107 -20.57 -20.50 -8.15
C HIS A 107 -21.15 -19.51 -7.19
N ASP A 108 -20.55 -18.35 -7.08
CA ASP A 108 -20.98 -17.39 -6.02
C ASP A 108 -22.04 -16.55 -6.66
N SER A 109 -23.27 -16.77 -6.26
CA SER A 109 -24.41 -16.05 -6.76
C SER A 109 -24.32 -14.56 -6.54
N ALA A 110 -24.28 -14.13 -5.28
CA ALA A 110 -24.25 -12.67 -5.06
C ALA A 110 -22.95 -12.00 -5.55
N ASN A 111 -21.84 -12.72 -5.56
CA ASN A 111 -20.66 -11.98 -5.94
C ASN A 111 -20.20 -12.15 -7.38
N PHE A 112 -20.83 -13.04 -8.12
CA PHE A 112 -20.35 -13.32 -9.44
C PHE A 112 -21.49 -13.55 -10.45
N ILE A 113 -22.37 -14.46 -10.20
CA ILE A 113 -23.40 -14.75 -11.14
C ILE A 113 -24.37 -13.60 -11.34
N LYS A 114 -24.84 -13.01 -10.24
CA LYS A 114 -25.73 -11.88 -10.37
C LYS A 114 -25.02 -10.75 -11.13
N PRO A 115 -23.90 -10.23 -10.57
CA PRO A 115 -23.31 -9.05 -11.16
C PRO A 115 -22.97 -9.32 -12.62
N THR A 116 -22.46 -10.49 -12.99
CA THR A 116 -22.15 -10.70 -14.40
C THR A 116 -23.41 -10.85 -15.23
N SER A 117 -24.38 -11.53 -14.66
CA SER A 117 -25.64 -11.69 -15.37
C SER A 117 -26.23 -10.29 -15.64
N TYR A 118 -26.20 -9.43 -14.58
CA TYR A 118 -26.74 -8.06 -14.69
C TYR A 118 -26.00 -7.24 -15.74
N LEU A 119 -24.69 -7.33 -15.73
CA LEU A 119 -23.93 -6.61 -16.68
C LEU A 119 -24.37 -7.05 -18.07
N ALA A 120 -24.42 -8.36 -18.37
CA ALA A 120 -24.82 -8.77 -19.71
C ALA A 120 -26.22 -8.19 -20.04
N HIS A 121 -27.11 -8.15 -19.05
CA HIS A 121 -28.45 -7.63 -19.27
C HIS A 121 -28.37 -6.09 -19.52
N TYR A 122 -27.51 -5.36 -18.76
CA TYR A 122 -27.40 -3.95 -19.07
C TYR A 122 -26.83 -3.71 -20.44
N LEU A 123 -26.14 -4.68 -21.00
CA LEU A 123 -25.54 -4.36 -22.30
C LEU A 123 -26.47 -4.72 -23.39
N GLY A 124 -27.62 -5.32 -23.05
CA GLY A 124 -28.56 -5.72 -24.09
C GLY A 124 -28.60 -7.20 -24.55
N TYR A 125 -27.87 -8.09 -23.86
CA TYR A 125 -27.91 -9.47 -24.21
C TYR A 125 -29.27 -10.01 -23.81
N ALA A 126 -29.81 -10.94 -24.59
CA ALA A 126 -31.20 -11.34 -24.41
C ALA A 126 -31.22 -12.48 -23.41
N TRP A 127 -32.26 -12.59 -22.59
CA TRP A 127 -32.47 -13.81 -21.80
C TRP A 127 -31.27 -14.19 -20.92
N VAL A 128 -30.93 -13.29 -20.03
CA VAL A 128 -29.91 -13.64 -19.07
C VAL A 128 -30.61 -14.18 -17.80
N GLY A 129 -30.98 -15.47 -17.83
CA GLY A 129 -31.72 -16.06 -16.69
C GLY A 129 -32.31 -17.36 -17.10
N GLY A 130 -32.61 -18.26 -16.15
CA GLY A 130 -33.18 -19.61 -16.44
C GLY A 130 -34.69 -19.61 -16.61
N ASN A 131 -35.27 -20.74 -17.02
CA ASN A 131 -36.74 -20.83 -17.18
C ASN A 131 -37.49 -20.79 -15.85
N HIS A 132 -36.79 -20.99 -14.75
CA HIS A 132 -37.53 -21.21 -13.54
C HIS A 132 -37.53 -19.99 -12.64
N SER A 133 -37.15 -18.86 -13.21
CA SER A 133 -37.23 -17.61 -12.48
C SER A 133 -37.61 -16.47 -13.47
N GLN A 134 -38.35 -15.49 -12.99
CA GLN A 134 -38.63 -14.32 -13.79
C GLN A 134 -37.44 -13.34 -13.71
N TYR A 135 -36.45 -13.60 -12.85
CA TYR A 135 -35.45 -12.57 -12.61
C TYR A 135 -34.17 -12.83 -13.35
N VAL A 136 -33.39 -11.79 -13.60
CA VAL A 136 -32.07 -11.88 -14.24
C VAL A 136 -31.08 -12.55 -13.29
N GLY A 137 -30.31 -13.51 -13.80
CA GLY A 137 -29.19 -14.05 -13.04
C GLY A 137 -29.65 -15.05 -12.02
N GLU A 138 -30.84 -15.62 -12.27
CA GLU A 138 -31.41 -16.64 -11.40
C GLU A 138 -31.65 -17.94 -12.18
N ASP A 139 -31.87 -19.06 -11.50
CA ASP A 139 -31.95 -20.33 -12.22
C ASP A 139 -30.84 -20.43 -13.26
N MET A 140 -29.63 -20.12 -12.87
CA MET A 140 -28.54 -20.16 -13.79
C MET A 140 -27.77 -21.46 -13.54
N ASP A 141 -27.48 -22.20 -14.62
CA ASP A 141 -26.62 -23.41 -14.55
C ASP A 141 -25.13 -23.04 -14.72
N VAL A 142 -24.29 -23.65 -13.92
CA VAL A 142 -22.87 -23.42 -14.03
C VAL A 142 -22.29 -24.74 -14.44
N THR A 143 -21.83 -24.81 -15.68
CA THR A 143 -21.21 -26.05 -16.13
C THR A 143 -19.78 -25.81 -16.49
N ARG A 144 -19.02 -26.88 -16.60
CA ARG A 144 -17.66 -26.83 -17.04
C ARG A 144 -17.60 -27.01 -18.57
N ASP A 145 -16.78 -26.22 -19.23
CA ASP A 145 -16.67 -26.29 -20.68
C ASP A 145 -15.20 -26.56 -20.91
N GLY A 146 -14.89 -27.79 -21.31
CA GLY A 146 -13.52 -28.28 -21.24
C GLY A 146 -12.85 -27.65 -20.02
N ASP A 147 -12.14 -26.55 -20.24
CA ASP A 147 -11.36 -25.97 -19.18
C ASP A 147 -12.18 -25.13 -18.17
N GLY A 148 -12.41 -23.86 -18.51
CA GLY A 148 -13.14 -22.95 -17.65
C GLY A 148 -14.63 -23.25 -17.55
N TRP A 149 -15.44 -22.19 -17.40
CA TRP A 149 -16.80 -22.36 -16.97
C TRP A 149 -17.78 -21.72 -17.89
N VAL A 150 -19.05 -22.07 -17.72
CA VAL A 150 -20.12 -21.44 -18.50
C VAL A 150 -21.32 -21.22 -17.57
N ILE A 151 -21.78 -19.99 -17.46
CA ILE A 151 -22.92 -19.68 -16.63
C ILE A 151 -24.04 -19.30 -17.62
N ARG A 152 -25.21 -19.92 -17.49
CA ARG A 152 -26.26 -19.78 -18.48
C ARG A 152 -27.60 -20.28 -17.95
N GLY A 153 -28.66 -19.54 -18.27
CA GLY A 153 -30.02 -19.87 -17.83
C GLY A 153 -30.39 -21.32 -17.97
N ASN A 154 -31.01 -21.91 -16.95
CA ASN A 154 -31.47 -23.28 -17.12
C ASN A 154 -32.40 -23.33 -18.30
N ASN A 155 -32.23 -24.30 -19.19
CA ASN A 155 -33.12 -24.31 -20.38
C ASN A 155 -34.11 -25.50 -20.45
N ASP A 156 -34.53 -26.04 -19.29
CA ASP A 156 -35.39 -27.25 -19.24
C ASP A 156 -36.85 -26.90 -19.30
N GLY A 157 -37.64 -27.81 -19.86
CA GLY A 157 -39.00 -27.47 -20.26
C GLY A 157 -39.16 -26.21 -21.13
N GLY A 158 -40.41 -25.73 -21.17
CA GLY A 158 -40.80 -24.70 -22.11
C GLY A 158 -40.45 -23.30 -21.70
N CYS A 159 -40.44 -22.38 -22.65
CA CYS A 159 -40.37 -20.98 -22.26
C CYS A 159 -41.22 -20.15 -23.18
N ASP A 160 -41.68 -19.03 -22.62
CA ASP A 160 -42.45 -18.01 -23.35
C ASP A 160 -41.51 -16.81 -23.51
N GLY A 161 -41.84 -15.99 -24.50
CA GLY A 161 -40.99 -14.87 -24.91
C GLY A 161 -40.42 -15.13 -26.29
N TYR A 162 -40.20 -14.07 -27.04
CA TYR A 162 -39.62 -14.19 -28.37
C TYR A 162 -38.19 -14.78 -28.36
N ARG A 163 -37.96 -15.87 -29.07
CA ARG A 163 -36.60 -16.43 -29.13
C ARG A 163 -36.07 -16.83 -27.75
N CYS A 164 -36.96 -17.13 -26.80
CA CYS A 164 -36.56 -17.37 -25.40
C CYS A 164 -35.64 -18.55 -25.15
N GLY A 165 -35.61 -19.51 -26.06
CA GLY A 165 -34.61 -20.57 -26.02
C GLY A 165 -33.16 -20.14 -26.24
N ASP A 166 -32.91 -18.91 -26.71
CA ASP A 166 -31.53 -18.55 -26.99
C ASP A 166 -30.88 -17.81 -25.81
N LYS A 167 -30.46 -18.58 -24.82
CA LYS A 167 -30.14 -18.02 -23.52
C LYS A 167 -28.72 -17.43 -23.66
N THR A 168 -28.44 -16.32 -22.98
CA THR A 168 -27.11 -15.75 -22.99
C THR A 168 -26.26 -16.59 -22.06
N ALA A 169 -25.01 -16.74 -22.45
CA ALA A 169 -24.04 -17.50 -21.71
C ALA A 169 -22.93 -16.57 -21.21
N ILE A 170 -22.39 -16.86 -20.02
CA ILE A 170 -21.27 -16.09 -19.50
C ILE A 170 -20.18 -17.13 -19.30
N LYS A 171 -19.05 -16.96 -19.96
CA LYS A 171 -18.01 -17.93 -19.85
C LYS A 171 -16.80 -17.34 -19.16
N VAL A 172 -16.25 -18.17 -18.30
CA VAL A 172 -15.13 -17.79 -17.49
C VAL A 172 -13.92 -18.57 -17.96
N SER A 173 -12.82 -17.94 -18.20
CA SER A 173 -11.70 -18.71 -18.73
C SER A 173 -10.39 -17.94 -18.66
N ASN A 174 -9.27 -18.58 -19.07
CA ASN A 174 -7.95 -17.98 -18.98
C ASN A 174 -7.68 -17.35 -17.61
N PHE A 175 -7.91 -18.10 -16.55
CA PHE A 175 -7.48 -17.72 -15.20
C PHE A 175 -5.94 -17.52 -15.01
N ALA A 176 -5.59 -16.55 -14.20
CA ALA A 176 -4.22 -16.34 -13.82
C ALA A 176 -4.22 -15.80 -12.38
N TYR A 177 -3.06 -15.89 -11.74
CA TYR A 177 -2.88 -15.66 -10.32
C TYR A 177 -1.54 -15.00 -10.05
N ASN A 178 -1.60 -13.75 -9.63
CA ASN A 178 -0.43 -12.93 -9.38
C ASN A 178 -0.12 -12.68 -7.87
N LEU A 179 1.00 -13.16 -7.35
CA LEU A 179 1.23 -12.99 -5.92
C LEU A 179 1.51 -11.54 -5.59
N ASP A 180 0.69 -10.93 -4.71
CA ASP A 180 0.93 -9.55 -4.31
C ASP A 180 1.84 -9.52 -3.08
N PRO A 181 3.13 -9.21 -3.28
CA PRO A 181 4.15 -9.27 -2.24
C PRO A 181 3.70 -8.47 -1.01
N ASP A 182 3.04 -7.35 -1.26
CA ASP A 182 2.74 -6.43 -0.18
C ASP A 182 1.59 -6.89 0.71
N SER A 183 0.92 -7.98 0.30
CA SER A 183 -0.16 -8.58 1.07
C SER A 183 0.30 -9.52 2.19
N PHE A 184 1.61 -9.68 2.37
CA PHE A 184 2.22 -10.54 3.43
C PHE A 184 1.59 -10.40 4.82
N LYS A 185 1.33 -11.52 5.47
CA LYS A 185 1.11 -11.55 6.95
C LYS A 185 1.70 -12.88 7.41
N HIS A 186 1.93 -13.05 8.69
CA HIS A 186 2.39 -14.33 9.16
C HIS A 186 1.75 -14.68 10.49
N GLY A 187 1.79 -15.98 10.80
CA GLY A 187 1.28 -16.50 12.04
C GLY A 187 2.32 -16.44 13.17
N ASP A 188 2.11 -17.26 14.19
CA ASP A 188 3.02 -17.25 15.31
C ASP A 188 4.45 -17.49 14.83
N VAL A 189 5.30 -16.56 15.19
CA VAL A 189 6.69 -16.66 14.90
C VAL A 189 7.24 -17.86 15.66
N THR A 190 6.97 -19.02 15.06
CA THR A 190 7.33 -20.32 15.60
C THR A 190 8.63 -20.35 16.35
N GLN A 191 9.64 -19.69 15.84
CA GLN A 191 10.94 -19.77 16.45
C GLN A 191 11.78 -18.62 15.93
N SER A 192 12.49 -17.95 16.83
CA SER A 192 13.37 -16.84 16.51
C SER A 192 14.50 -16.81 17.53
N ASP A 193 15.63 -16.19 17.16
CA ASP A 193 16.82 -16.06 18.03
C ASP A 193 17.98 -15.47 17.22
N ARG A 194 18.80 -14.63 17.82
CA ARG A 194 19.97 -14.04 17.14
C ARG A 194 21.25 -14.07 18.03
N GLN A 195 22.21 -14.93 17.71
CA GLN A 195 23.15 -15.35 18.69
C GLN A 195 24.56 -15.01 18.23
N LEU A 196 25.36 -14.39 19.11
CA LEU A 196 26.78 -14.12 18.86
C LEU A 196 27.54 -15.45 18.78
N VAL A 197 28.27 -15.74 17.68
CA VAL A 197 29.09 -17.00 17.67
C VAL A 197 30.59 -16.79 17.83
N LYS A 198 31.04 -15.57 17.70
CA LYS A 198 32.46 -15.31 17.80
C LYS A 198 32.71 -13.82 17.59
N THR A 199 33.68 -13.32 18.32
CA THR A 199 34.12 -11.95 18.28
C THR A 199 35.55 -11.99 17.81
N VAL A 200 35.80 -11.30 16.75
CA VAL A 200 37.17 -11.16 16.26
C VAL A 200 37.67 -9.78 16.69
N VAL A 201 38.77 -9.75 17.44
CA VAL A 201 39.30 -8.53 17.98
C VAL A 201 40.79 -8.45 17.66
N GLY A 202 41.39 -7.27 17.81
CA GLY A 202 42.76 -7.10 17.40
C GLY A 202 42.99 -5.62 17.18
N TRP A 203 43.98 -5.28 16.33
CA TRP A 203 44.35 -3.86 16.14
C TRP A 203 44.59 -3.46 14.69
N ALA A 204 44.31 -2.19 14.38
CA ALA A 204 44.86 -1.62 13.15
C ALA A 204 45.89 -0.50 13.51
N VAL A 205 47.11 -0.69 13.01
CA VAL A 205 48.21 0.20 13.26
C VAL A 205 48.56 1.22 12.11
N ASN A 206 48.70 2.47 12.54
CA ASN A 206 49.27 3.49 11.73
C ASN A 206 50.69 3.75 12.24
N ASP A 207 51.66 3.12 11.63
CA ASP A 207 53.06 3.34 12.00
C ASP A 207 53.76 4.61 11.51
N SER A 208 53.12 5.33 10.58
CA SER A 208 53.73 6.50 9.90
C SER A 208 53.59 7.77 10.71
N ASP A 209 54.35 8.79 10.38
CA ASP A 209 54.27 9.99 11.19
C ASP A 209 53.05 10.90 10.99
N THR A 210 52.28 10.69 9.95
CA THR A 210 51.13 11.58 9.81
C THR A 210 49.80 10.80 9.94
N PRO A 211 48.69 11.48 10.23
CA PRO A 211 47.39 10.80 10.35
C PRO A 211 47.04 10.09 9.03
N GLN A 212 46.30 8.99 9.14
CA GLN A 212 45.96 8.14 8.01
C GLN A 212 44.45 7.99 7.99
N SER A 213 43.87 8.31 6.83
CA SER A 213 42.41 8.36 6.63
C SER A 213 42.07 7.83 5.29
N GLY A 214 43.11 7.46 4.54
CA GLY A 214 42.93 7.07 3.18
C GLY A 214 42.71 5.60 2.86
N TYR A 215 42.58 4.73 3.87
CA TYR A 215 42.44 3.25 3.72
C TYR A 215 41.10 2.62 4.12
N ASP A 216 40.53 1.78 3.27
CA ASP A 216 39.50 0.96 3.81
C ASP A 216 40.20 -0.24 4.48
N VAL A 217 39.72 -0.62 5.66
CA VAL A 217 39.98 -1.94 6.25
C VAL A 217 38.76 -2.78 5.83
N THR A 218 39.02 -3.92 5.22
CA THR A 218 37.96 -4.70 4.62
C THR A 218 38.00 -6.20 5.01
N LEU A 219 36.87 -6.66 5.59
CA LEU A 219 36.55 -8.07 5.79
C LEU A 219 36.01 -8.77 4.52
N ARG A 220 36.64 -9.87 4.15
CA ARG A 220 35.98 -10.78 3.20
C ARG A 220 35.75 -12.20 3.73
N GLY A 221 35.04 -12.97 2.89
CA GLY A 221 34.66 -14.36 3.17
C GLY A 221 33.23 -14.56 2.73
N ASP A 222 32.66 -15.71 3.04
CA ASP A 222 31.28 -15.92 2.66
C ASP A 222 30.59 -16.89 3.61
N THR A 223 29.28 -16.75 3.76
CA THR A 223 28.46 -17.69 4.54
C THR A 223 27.22 -18.17 3.79
N ALA A 224 26.71 -19.33 4.17
CA ALA A 224 25.50 -19.83 3.53
C ALA A 224 24.29 -19.15 4.17
N THR A 225 23.20 -19.08 3.44
CA THR A 225 21.90 -18.80 4.02
C THR A 225 21.05 -19.93 3.54
N ASN A 226 20.22 -20.45 4.43
CA ASN A 226 19.37 -21.58 4.16
C ASN A 226 17.96 -21.11 4.44
N TRP A 227 17.05 -21.26 3.49
CA TRP A 227 15.68 -20.99 3.82
C TRP A 227 14.79 -22.03 3.13
N SER A 228 13.64 -22.29 3.68
CA SER A 228 12.74 -23.22 3.05
C SER A 228 11.33 -22.69 3.17
N LYS A 229 10.50 -22.93 2.17
CA LYS A 229 9.04 -22.68 2.39
C LYS A 229 8.12 -23.79 1.90
N THR A 230 7.02 -24.00 2.61
CA THR A 230 6.03 -24.93 2.13
C THR A 230 4.79 -24.24 1.61
N ASN A 231 3.94 -25.05 0.95
CA ASN A 231 2.74 -24.62 0.19
C ASN A 231 1.55 -25.43 0.59
N THR A 232 0.66 -24.86 1.39
CA THR A 232 -0.39 -25.69 1.91
C THR A 232 -1.16 -26.38 0.79
N TYR A 233 -1.33 -25.67 -0.34
CA TYR A 233 -2.15 -26.18 -1.46
C TYR A 233 -1.48 -26.21 -2.83
N GLY A 234 -2.26 -26.46 -3.86
CA GLY A 234 -1.69 -26.56 -5.20
C GLY A 234 -1.97 -25.41 -6.19
N LEU A 235 -2.83 -24.50 -5.82
CA LEU A 235 -2.96 -23.32 -6.63
C LEU A 235 -1.56 -22.75 -6.73
N SER A 236 -0.77 -22.93 -5.67
CA SER A 236 0.64 -22.47 -5.64
C SER A 236 1.44 -22.83 -6.90
N GLU A 237 1.06 -23.90 -7.59
CA GLU A 237 1.82 -24.37 -8.76
C GLU A 237 1.69 -23.40 -9.92
N LYS A 238 0.60 -22.62 -9.90
CA LYS A 238 0.20 -21.80 -11.01
C LYS A 238 0.31 -20.30 -10.77
N VAL A 239 0.59 -19.91 -9.52
CA VAL A 239 0.86 -18.54 -9.10
C VAL A 239 2.25 -18.10 -9.55
N THR A 240 2.37 -16.83 -9.92
CA THR A 240 3.64 -16.17 -10.25
C THR A 240 3.55 -14.77 -9.65
N THR A 241 4.70 -14.11 -9.53
CA THR A 241 4.72 -12.71 -9.10
C THR A 241 5.11 -11.97 -10.35
N LYS A 242 4.63 -10.75 -10.49
CA LYS A 242 5.00 -10.02 -11.67
C LYS A 242 6.45 -9.53 -11.62
N ASN A 243 6.89 -9.15 -10.42
CA ASN A 243 8.23 -8.66 -10.25
C ASN A 243 8.85 -9.30 -9.06
N LYS A 244 10.16 -9.42 -9.08
CA LYS A 244 10.93 -9.99 -7.98
C LYS A 244 10.86 -9.07 -6.79
N PHE A 245 10.86 -9.71 -5.63
CA PHE A 245 10.89 -8.97 -4.37
C PHE A 245 11.70 -9.72 -3.31
N LYS A 246 12.18 -9.00 -2.32
CA LYS A 246 12.94 -9.64 -1.27
C LYS A 246 11.95 -10.21 -0.30
N TRP A 247 12.13 -11.45 0.10
CA TRP A 247 11.32 -11.96 1.17
C TRP A 247 11.20 -10.87 2.28
N PRO A 248 10.01 -10.68 2.90
CA PRO A 248 9.95 -9.59 3.89
C PRO A 248 10.71 -9.86 5.21
N LEU A 249 11.06 -8.78 5.91
CA LEU A 249 11.73 -8.81 7.19
C LEU A 249 10.73 -9.04 8.35
N VAL A 250 10.74 -10.24 8.90
CA VAL A 250 10.06 -10.46 10.17
C VAL A 250 11.05 -10.47 11.32
N GLY A 251 10.68 -9.87 12.45
CA GLY A 251 11.56 -9.75 13.60
C GLY A 251 12.64 -8.71 13.37
N GLU A 252 13.78 -8.92 14.03
CA GLU A 252 14.89 -7.98 13.97
C GLU A 252 15.85 -8.37 12.83
N THR A 253 15.94 -9.68 12.62
CA THR A 253 16.71 -10.46 11.62
C THR A 253 16.79 -9.90 10.20
N GLU A 254 17.96 -9.64 9.68
CA GLU A 254 18.13 -9.20 8.30
C GLU A 254 18.61 -10.42 7.46
N LEU A 255 17.77 -10.97 6.60
CA LEU A 255 18.18 -12.10 5.73
C LEU A 255 17.93 -11.80 4.23
N SER A 256 18.75 -12.30 3.33
CA SER A 256 18.56 -11.88 1.96
C SER A 256 17.98 -13.01 1.16
N ILE A 257 16.78 -12.81 0.60
CA ILE A 257 16.16 -13.83 -0.21
C ILE A 257 15.37 -13.24 -1.37
N GLU A 258 15.49 -13.83 -2.55
CA GLU A 258 14.91 -13.18 -3.71
C GLU A 258 13.89 -14.06 -4.42
N ILE A 259 12.62 -13.67 -4.41
CA ILE A 259 11.62 -14.45 -5.13
C ILE A 259 11.63 -13.93 -6.53
N ALA A 260 11.77 -14.84 -7.50
CA ALA A 260 11.89 -14.44 -8.88
C ALA A 260 10.56 -14.44 -9.62
N ALA A 261 10.44 -13.50 -10.54
CA ALA A 261 9.30 -13.38 -11.42
C ALA A 261 9.12 -14.59 -12.36
N ASN A 262 8.03 -14.59 -13.12
CA ASN A 262 7.82 -15.60 -14.13
C ASN A 262 8.39 -16.97 -13.76
N GLN A 263 8.06 -17.40 -12.55
CA GLN A 263 8.45 -18.69 -12.03
C GLN A 263 7.50 -19.05 -10.90
N SER A 264 6.90 -20.21 -11.07
CA SER A 264 5.97 -20.84 -10.14
C SER A 264 6.37 -20.66 -8.68
N TRP A 265 5.41 -20.27 -7.87
CA TRP A 265 5.62 -20.09 -6.44
C TRP A 265 6.09 -21.42 -5.85
N ALA A 266 5.36 -22.45 -6.23
CA ALA A 266 5.62 -23.77 -5.75
C ALA A 266 6.98 -24.25 -6.24
N SER A 267 7.54 -23.64 -7.29
CA SER A 267 8.84 -24.12 -7.77
C SER A 267 10.00 -23.52 -6.99
N GLN A 268 9.71 -22.53 -6.16
CA GLN A 268 10.72 -21.83 -5.40
C GLN A 268 10.46 -22.06 -3.93
N ASN A 269 10.91 -23.21 -3.44
CA ASN A 269 10.93 -23.44 -2.02
C ASN A 269 12.33 -23.28 -1.49
N GLY A 270 13.16 -22.57 -2.27
CA GLY A 270 14.47 -22.11 -1.78
C GLY A 270 15.57 -23.16 -1.69
N GLY A 271 16.30 -23.12 -0.58
CA GLY A 271 17.46 -23.97 -0.40
C GLY A 271 18.59 -23.20 0.24
N SER A 272 19.78 -23.33 -0.32
CA SER A 272 20.99 -22.80 0.32
C SER A 272 21.74 -21.88 -0.64
N THR A 273 22.13 -20.70 -0.17
CA THR A 273 22.59 -19.61 -1.03
C THR A 273 23.74 -18.82 -0.42
N THR A 274 24.93 -18.99 -1.01
CA THR A 274 26.14 -18.27 -0.59
C THR A 274 25.89 -16.77 -0.51
N THR A 275 26.33 -16.15 0.58
CA THR A 275 26.20 -14.71 0.73
C THR A 275 27.57 -14.32 1.15
N SER A 276 27.98 -13.10 0.84
CA SER A 276 29.34 -12.65 1.05
C SER A 276 29.39 -11.79 2.30
N LEU A 277 30.57 -11.68 2.90
CA LEU A 277 30.71 -10.94 4.13
C LEU A 277 31.38 -9.66 3.81
N SER A 278 31.45 -9.29 2.55
CA SER A 278 32.32 -8.13 2.21
C SER A 278 31.91 -6.88 2.98
N GLN A 279 32.86 -6.30 3.68
CA GLN A 279 32.54 -5.20 4.57
C GLN A 279 33.74 -4.31 4.71
N SER A 280 33.47 -3.03 4.87
CA SER A 280 34.49 -2.06 4.70
C SER A 280 34.34 -0.88 5.64
N VAL A 281 35.45 -0.34 6.11
CA VAL A 281 35.33 0.89 6.87
C VAL A 281 36.56 1.80 6.68
N ARG A 282 36.34 3.10 6.52
CA ARG A 282 37.47 4.03 6.31
C ARG A 282 37.84 4.89 7.55
N PRO A 283 38.53 4.25 8.50
CA PRO A 283 38.86 4.88 9.75
C PRO A 283 39.92 5.92 9.64
N THR A 284 40.06 6.66 10.66
CA THR A 284 41.10 7.64 10.67
C THR A 284 41.98 7.30 11.86
N VAL A 285 43.18 6.82 11.62
CA VAL A 285 44.10 6.57 12.70
C VAL A 285 45.14 7.66 12.76
N PRO A 286 45.26 8.30 13.92
CA PRO A 286 46.34 9.31 14.18
C PRO A 286 47.72 8.77 13.96
N ALA A 287 48.61 9.68 13.58
CA ALA A 287 50.07 9.50 13.61
C ALA A 287 50.50 8.58 14.74
N ARG A 288 51.19 7.50 14.38
CA ARG A 288 51.81 6.66 15.37
C ARG A 288 50.78 6.12 16.33
N SER A 289 49.91 5.25 15.83
CA SER A 289 48.88 4.77 16.69
C SER A 289 48.16 3.59 16.07
N LYS A 290 47.38 2.93 16.91
CA LYS A 290 46.67 1.74 16.59
C LYS A 290 45.29 1.99 17.16
N ILE A 291 44.29 1.48 16.47
CA ILE A 291 42.93 1.55 16.95
C ILE A 291 42.59 0.14 17.31
N PRO A 292 41.77 -0.06 18.35
CA PRO A 292 41.22 -1.40 18.58
C PRO A 292 40.18 -1.75 17.50
N VAL A 293 40.18 -2.99 16.99
CA VAL A 293 39.23 -3.38 15.98
C VAL A 293 38.41 -4.61 16.42
N LYS A 294 37.17 -4.69 15.98
CA LYS A 294 36.31 -5.75 16.41
C LYS A 294 35.20 -5.98 15.42
N ILE A 295 34.97 -7.26 15.11
CA ILE A 295 33.96 -7.71 14.17
C ILE A 295 33.17 -8.79 14.90
N GLU A 296 31.86 -8.68 14.94
CA GLU A 296 31.08 -9.74 15.53
C GLU A 296 30.42 -10.62 14.46
N LEU A 297 30.36 -11.90 14.77
CA LEU A 297 29.86 -12.91 13.89
C LEU A 297 28.65 -13.54 14.52
N TYR A 298 27.55 -13.62 13.78
CA TYR A 298 26.31 -14.15 14.28
C TYR A 298 25.69 -15.32 13.45
N LYS A 299 24.75 -16.03 14.08
CA LYS A 299 23.83 -16.88 13.35
C LYS A 299 22.47 -16.44 13.81
N ALA A 300 21.47 -16.51 12.94
CA ALA A 300 20.08 -16.25 13.33
C ALA A 300 19.21 -17.22 12.60
N ASP A 301 18.05 -17.55 13.16
CA ASP A 301 17.07 -18.25 12.38
C ASP A 301 15.65 -17.81 12.73
N ILE A 302 14.74 -17.92 11.76
CA ILE A 302 13.37 -17.58 11.96
C ILE A 302 12.50 -18.63 11.29
N SER A 303 11.33 -18.93 11.86
CA SER A 303 10.32 -19.70 11.11
C SER A 303 8.85 -19.34 11.44
N TYR A 304 7.95 -19.56 10.51
CA TYR A 304 6.59 -19.16 10.76
C TYR A 304 5.69 -19.54 9.63
N PRO A 305 4.40 -19.67 9.91
CA PRO A 305 3.38 -19.76 8.87
C PRO A 305 3.25 -18.40 8.27
N TYR A 306 3.36 -18.38 6.94
CA TYR A 306 3.23 -17.18 6.13
C TYR A 306 1.95 -17.30 5.28
N GLU A 307 1.49 -16.14 4.82
CA GLU A 307 0.30 -15.98 4.01
C GLU A 307 0.50 -14.70 3.20
N PHE A 308 0.39 -14.90 1.88
CA PHE A 308 0.32 -13.88 0.84
C PHE A 308 -1.03 -14.03 0.07
N LYS A 309 -1.45 -12.97 -0.59
CA LYS A 309 -2.69 -13.04 -1.33
C LYS A 309 -2.26 -12.96 -2.79
N ALA A 310 -2.94 -13.73 -3.67
CA ALA A 310 -2.68 -13.74 -5.09
C ALA A 310 -3.89 -13.16 -5.80
N ASP A 311 -3.69 -12.24 -6.73
CA ASP A 311 -4.85 -11.67 -7.39
C ASP A 311 -5.38 -12.64 -8.44
N VAL A 312 -6.68 -12.94 -8.47
CA VAL A 312 -7.23 -13.79 -9.53
C VAL A 312 -7.67 -12.90 -10.65
N SER A 313 -7.25 -13.18 -11.88
CA SER A 313 -7.73 -12.47 -13.00
C SER A 313 -8.31 -13.56 -13.96
N TYR A 314 -9.23 -13.20 -14.84
CA TYR A 314 -9.87 -14.13 -15.81
C TYR A 314 -10.51 -13.34 -16.93
N ASP A 315 -10.84 -14.00 -18.01
CA ASP A 315 -11.53 -13.43 -19.15
C ASP A 315 -13.00 -13.76 -18.99
N LEU A 316 -13.83 -12.77 -19.23
CA LEU A 316 -15.26 -12.91 -19.07
C LEU A 316 -15.86 -12.74 -20.48
N THR A 317 -16.40 -13.80 -21.07
CA THR A 317 -16.94 -13.65 -22.42
C THR A 317 -18.47 -13.70 -22.49
N LEU A 318 -19.13 -12.63 -22.97
CA LEU A 318 -20.61 -12.63 -23.06
C LEU A 318 -21.05 -13.03 -24.48
N SER A 319 -21.83 -14.11 -24.57
CA SER A 319 -22.38 -14.67 -25.82
C SER A 319 -23.90 -14.82 -25.75
N GLY A 320 -24.55 -14.19 -26.72
CA GLY A 320 -26.01 -14.18 -26.82
C GLY A 320 -26.35 -13.22 -27.94
N PHE A 321 -27.65 -12.96 -28.16
CA PHE A 321 -27.97 -12.00 -29.20
C PHE A 321 -28.35 -10.64 -28.58
N LEU A 322 -28.13 -9.55 -29.30
CA LEU A 322 -28.40 -8.23 -28.75
C LEU A 322 -29.82 -7.87 -29.02
N ARG A 323 -30.54 -7.41 -28.00
CA ARG A 323 -31.93 -7.13 -28.20
C ARG A 323 -32.23 -6.01 -29.20
N TRP A 324 -33.36 -6.17 -29.90
CA TRP A 324 -33.84 -5.15 -30.81
C TRP A 324 -34.46 -4.07 -29.96
N GLY A 325 -34.14 -2.82 -30.17
CA GLY A 325 -34.75 -1.77 -29.39
C GLY A 325 -34.24 -1.82 -27.97
N GLY A 326 -32.93 -1.84 -27.85
CA GLY A 326 -32.39 -1.86 -26.55
C GLY A 326 -31.08 -2.58 -26.38
N ASN A 327 -30.00 -2.10 -26.99
CA ASN A 327 -28.72 -2.67 -26.59
C ASN A 327 -27.61 -1.61 -26.53
N ALA A 328 -26.42 -1.98 -26.06
CA ALA A 328 -25.35 -0.98 -25.81
C ALA A 328 -24.23 -1.00 -26.83
N TRP A 329 -24.27 -1.95 -27.77
CA TRP A 329 -23.22 -1.91 -28.73
C TRP A 329 -23.30 -0.51 -29.37
N TYR A 330 -22.12 0.10 -29.53
CA TYR A 330 -21.99 1.47 -30.06
C TYR A 330 -22.80 1.73 -31.33
N THR A 331 -22.89 0.74 -32.23
CA THR A 331 -23.70 0.92 -33.46
C THR A 331 -25.19 0.58 -33.23
N HIS A 332 -25.59 0.14 -32.04
CA HIS A 332 -27.01 -0.15 -31.77
C HIS A 332 -27.66 -0.97 -32.85
N PRO A 333 -27.15 -2.18 -33.09
CA PRO A 333 -27.71 -3.03 -34.12
C PRO A 333 -29.19 -3.34 -33.85
N ASP A 334 -29.94 -3.54 -34.92
CA ASP A 334 -31.36 -3.73 -34.72
C ASP A 334 -31.80 -5.00 -35.40
N ASN A 335 -30.88 -5.95 -35.49
CA ASN A 335 -31.26 -7.20 -36.14
C ASN A 335 -30.93 -8.41 -35.30
N ARG A 336 -30.79 -8.25 -33.99
CA ARG A 336 -30.68 -9.39 -33.11
C ARG A 336 -29.57 -10.26 -33.58
N PRO A 337 -28.43 -9.68 -33.81
CA PRO A 337 -27.27 -10.44 -34.24
C PRO A 337 -26.72 -11.22 -33.04
N ASN A 338 -26.18 -12.42 -33.32
CA ASN A 338 -25.31 -13.11 -32.36
C ASN A 338 -24.07 -12.28 -32.02
N TRP A 339 -23.79 -12.11 -30.74
CA TRP A 339 -22.68 -11.27 -30.34
C TRP A 339 -21.77 -11.98 -29.33
N ASN A 340 -20.44 -11.83 -29.50
CA ASN A 340 -19.51 -12.32 -28.52
C ASN A 340 -18.58 -11.22 -28.12
N HIS A 341 -18.53 -10.93 -26.80
CA HIS A 341 -17.55 -9.96 -26.35
C HIS A 341 -16.81 -10.40 -25.11
N THR A 342 -15.51 -10.18 -25.11
CA THR A 342 -14.78 -10.53 -23.93
C THR A 342 -14.16 -9.36 -23.23
N PHE A 343 -14.41 -9.28 -21.93
CA PHE A 343 -13.66 -8.40 -21.07
C PHE A 343 -12.64 -9.18 -20.22
N VAL A 344 -11.56 -8.48 -19.89
CA VAL A 344 -10.45 -8.99 -19.12
C VAL A 344 -10.65 -8.46 -17.71
N ILE A 345 -11.05 -9.36 -16.81
CA ILE A 345 -11.32 -8.92 -15.44
C ILE A 345 -10.01 -8.99 -14.68
N GLY A 346 -9.27 -7.90 -14.55
CA GLY A 346 -7.90 -7.97 -14.05
C GLY A 346 -7.03 -6.93 -14.75
N PRO A 347 -5.70 -7.05 -14.70
CA PRO A 347 -4.81 -6.16 -15.44
C PRO A 347 -5.24 -5.90 -16.91
N TYR A 348 -5.35 -4.62 -17.25
CA TYR A 348 -5.53 -4.13 -18.59
C TYR A 348 -4.70 -4.83 -19.66
N LYS A 349 -5.31 -5.04 -20.84
CA LYS A 349 -4.67 -5.63 -22.00
C LYS A 349 -4.86 -4.76 -23.18
N ASP A 350 -6.07 -4.26 -23.36
CA ASP A 350 -6.31 -3.36 -24.47
C ASP A 350 -7.68 -2.77 -24.27
N LYS A 351 -8.05 -1.76 -25.07
CA LYS A 351 -9.26 -0.93 -24.85
C LYS A 351 -10.57 -1.70 -24.92
N ALA A 352 -10.60 -2.64 -25.84
CA ALA A 352 -11.78 -3.39 -26.23
C ALA A 352 -12.21 -4.18 -25.06
N SER A 353 -11.23 -4.67 -24.29
CA SER A 353 -11.60 -5.63 -23.28
C SER A 353 -11.49 -5.13 -21.85
N SER A 354 -11.54 -3.81 -21.69
CA SER A 354 -11.40 -3.23 -20.38
C SER A 354 -12.51 -2.23 -20.11
N ILE A 355 -13.38 -2.61 -19.16
CA ILE A 355 -14.58 -1.85 -18.74
C ILE A 355 -14.23 -0.45 -18.18
N ARG A 356 -13.26 -0.46 -17.27
CA ARG A 356 -12.79 0.77 -16.64
C ARG A 356 -12.34 1.73 -17.71
N TYR A 357 -11.56 1.29 -18.69
CA TYR A 357 -11.10 2.23 -19.68
C TYR A 357 -12.27 2.82 -20.44
N GLN A 358 -13.06 1.91 -21.04
CA GLN A 358 -14.25 2.30 -21.78
C GLN A 358 -15.12 3.27 -20.95
N TRP A 359 -15.41 2.91 -19.70
CA TRP A 359 -16.22 3.74 -18.78
C TRP A 359 -15.65 5.14 -18.63
N ASP A 360 -14.39 5.21 -18.32
CA ASP A 360 -13.69 6.44 -18.05
C ASP A 360 -13.54 7.37 -19.27
N LYS A 361 -13.40 6.78 -20.45
CA LYS A 361 -13.30 7.50 -21.70
C LYS A 361 -14.70 7.63 -22.32
N ARG A 362 -15.74 7.30 -21.60
CA ARG A 362 -17.02 7.27 -22.27
C ARG A 362 -17.42 8.58 -23.02
N TYR A 363 -16.94 9.76 -22.54
CA TYR A 363 -17.30 11.10 -23.11
C TYR A 363 -16.38 11.51 -24.24
N ILE A 364 -15.61 10.58 -24.75
CA ILE A 364 -14.78 10.92 -25.90
C ILE A 364 -15.27 10.16 -27.13
N PRO A 365 -16.03 10.84 -27.99
CA PRO A 365 -16.79 10.11 -28.98
C PRO A 365 -15.86 9.20 -29.77
N GLY A 366 -14.64 9.65 -30.05
CA GLY A 366 -13.70 8.86 -30.86
C GLY A 366 -13.22 7.58 -30.16
N GLU A 367 -13.39 7.53 -28.83
CA GLU A 367 -12.92 6.41 -28.08
C GLU A 367 -14.02 5.38 -27.87
N VAL A 368 -15.25 5.69 -28.25
CA VAL A 368 -16.35 4.75 -28.18
C VAL A 368 -16.43 3.80 -29.40
N LYS A 369 -15.75 2.65 -29.37
CA LYS A 369 -15.75 1.74 -30.50
C LYS A 369 -16.22 0.30 -30.15
N TRP A 370 -16.79 0.15 -28.95
CA TRP A 370 -17.26 -1.15 -28.47
C TRP A 370 -18.54 -0.86 -27.72
N TRP A 371 -18.52 -0.74 -26.42
CA TRP A 371 -19.80 -0.52 -25.76
C TRP A 371 -20.13 0.97 -25.46
N ASP A 372 -21.39 1.33 -25.54
CA ASP A 372 -21.84 2.66 -25.23
C ASP A 372 -22.28 2.88 -23.76
N TRP A 373 -21.35 3.27 -22.92
CA TRP A 373 -21.65 3.29 -21.46
C TRP A 373 -22.53 4.44 -21.02
N ASN A 374 -22.42 5.60 -21.68
CA ASN A 374 -23.44 6.61 -21.51
C ASN A 374 -24.89 6.11 -21.83
N TRP A 375 -25.02 5.17 -22.76
CA TRP A 375 -26.36 4.68 -23.07
C TRP A 375 -26.79 3.81 -21.88
N THR A 376 -25.86 2.99 -21.32
CA THR A 376 -26.22 2.17 -20.16
C THR A 376 -26.67 3.05 -19.02
N ILE A 377 -25.98 4.13 -18.83
CA ILE A 377 -26.31 5.08 -17.78
C ILE A 377 -27.71 5.71 -17.95
N GLN A 378 -28.02 6.10 -19.21
CA GLN A 378 -29.31 6.69 -19.55
C GLN A 378 -30.43 5.66 -19.34
N GLN A 379 -30.21 4.42 -19.77
CA GLN A 379 -31.21 3.37 -19.67
C GLN A 379 -31.49 2.92 -18.23
N ASN A 380 -30.46 2.87 -17.37
CA ASN A 380 -30.58 2.24 -16.04
C ASN A 380 -30.28 3.17 -14.90
N GLY A 381 -29.64 4.29 -15.20
CA GLY A 381 -29.24 5.20 -14.15
C GLY A 381 -27.79 5.02 -13.72
N LEU A 382 -27.18 6.10 -13.29
CA LEU A 382 -25.79 6.06 -12.98
C LEU A 382 -25.48 5.23 -11.74
N SER A 383 -26.26 5.34 -10.68
CA SER A 383 -25.93 4.58 -9.45
C SER A 383 -25.88 3.07 -9.71
N THR A 384 -26.81 2.61 -10.54
CA THR A 384 -27.06 1.24 -10.76
C THR A 384 -25.93 0.64 -11.52
N MET A 385 -25.49 1.33 -12.58
CA MET A 385 -24.32 0.85 -13.35
C MET A 385 -23.05 0.95 -12.46
N GLN A 386 -22.93 2.01 -11.67
CA GLN A 386 -21.73 2.14 -10.90
C GLN A 386 -21.60 0.94 -9.98
N ASN A 387 -22.72 0.60 -9.31
CA ASN A 387 -22.73 -0.45 -8.32
C ASN A 387 -22.58 -1.80 -8.96
N ASN A 388 -23.13 -1.94 -10.14
CA ASN A 388 -22.98 -3.17 -10.84
C ASN A 388 -21.57 -3.41 -11.29
N LEU A 389 -20.97 -2.41 -11.92
CA LEU A 389 -19.63 -2.57 -12.45
C LEU A 389 -18.64 -2.74 -11.29
N ALA A 390 -18.90 -2.04 -10.20
CA ALA A 390 -18.12 -2.20 -9.03
C ALA A 390 -18.14 -3.64 -8.52
N ARG A 391 -19.29 -4.35 -8.61
CA ARG A 391 -19.28 -5.79 -8.23
C ARG A 391 -18.54 -6.67 -9.23
N VAL A 392 -18.68 -6.39 -10.51
CA VAL A 392 -18.00 -7.21 -11.51
C VAL A 392 -16.52 -6.95 -11.56
N LEU A 393 -16.03 -5.76 -11.11
CA LEU A 393 -14.57 -5.47 -11.16
C LEU A 393 -13.88 -5.59 -9.82
N ARG A 394 -14.66 -6.00 -8.84
CA ARG A 394 -14.19 -6.18 -7.50
C ARG A 394 -13.08 -7.18 -7.50
N PRO A 395 -11.90 -6.78 -7.02
CA PRO A 395 -10.75 -7.67 -6.97
C PRO A 395 -11.11 -8.99 -6.28
N VAL A 396 -10.74 -10.09 -6.91
CA VAL A 396 -10.80 -11.38 -6.25
C VAL A 396 -9.37 -11.91 -5.93
N ARG A 397 -9.13 -12.33 -4.70
CA ARG A 397 -7.86 -12.92 -4.35
C ARG A 397 -7.96 -14.26 -3.65
N ALA A 398 -6.88 -15.01 -3.76
CA ALA A 398 -6.77 -16.30 -3.17
C ALA A 398 -5.65 -16.24 -2.12
N GLY A 399 -5.84 -16.86 -0.96
CA GLY A 399 -4.75 -17.01 0.00
C GLY A 399 -3.70 -18.02 -0.49
N ILE A 400 -2.41 -17.63 -0.42
CA ILE A 400 -1.31 -18.53 -0.70
C ILE A 400 -0.63 -18.65 0.64
N THR A 401 -0.66 -19.84 1.23
CA THR A 401 -0.12 -20.05 2.60
C THR A 401 0.90 -21.16 2.66
N GLY A 402 1.46 -21.38 3.85
CA GLY A 402 2.45 -22.44 4.07
C GLY A 402 3.46 -22.06 5.14
N ASP A 403 4.58 -22.79 5.25
CA ASP A 403 5.56 -22.56 6.31
C ASP A 403 6.84 -21.92 5.77
N PHE A 404 7.44 -20.95 6.51
CA PHE A 404 8.72 -20.36 6.10
C PHE A 404 9.81 -20.56 7.16
N SER A 405 11.04 -20.83 6.74
CA SER A 405 12.13 -20.96 7.73
C SER A 405 13.49 -20.61 7.12
N ALA A 406 14.30 -19.93 7.91
CA ALA A 406 15.59 -19.60 7.42
C ALA A 406 16.68 -19.70 8.49
N GLU A 407 17.87 -20.16 8.08
CA GLU A 407 19.10 -20.00 8.90
C GLU A 407 20.10 -19.13 8.18
N SER A 408 20.75 -18.26 8.92
CA SER A 408 21.71 -17.39 8.30
C SER A 408 22.90 -17.10 9.20
N GLN A 409 24.06 -16.87 8.60
CA GLN A 409 25.24 -16.30 9.28
C GLN A 409 25.65 -14.94 8.70
N PHE A 410 26.22 -14.08 9.54
CA PHE A 410 26.65 -12.77 9.03
C PHE A 410 27.59 -12.07 10.00
N ALA A 411 28.18 -10.96 9.59
CA ALA A 411 29.07 -10.27 10.51
C ALA A 411 28.45 -8.92 10.84
N GLY A 412 28.64 -8.42 12.05
CA GLY A 412 28.13 -7.08 12.37
C GLY A 412 29.08 -6.13 11.65
N ASN A 413 28.84 -4.84 11.69
CA ASN A 413 29.81 -3.99 11.04
C ASN A 413 31.12 -4.02 11.81
N ILE A 414 32.19 -3.69 11.11
CA ILE A 414 33.48 -3.60 11.70
C ILE A 414 33.45 -2.40 12.63
N GLU A 415 33.81 -2.60 13.88
CA GLU A 415 33.83 -1.53 14.86
C GLU A 415 35.21 -1.00 15.18
N ILE A 416 35.31 0.29 15.47
CA ILE A 416 36.61 0.87 15.69
C ILE A 416 36.65 1.66 16.97
N GLY A 417 37.66 1.37 17.79
CA GLY A 417 37.90 2.11 19.02
C GLY A 417 38.65 3.40 18.79
N ALA A 418 38.80 4.18 19.85
CA ALA A 418 39.56 5.39 19.87
C ALA A 418 41.00 5.02 19.82
N PRO A 419 41.81 5.86 19.18
CA PRO A 419 43.25 5.66 18.92
C PRO A 419 44.02 5.62 20.19
N VAL A 420 44.88 4.63 20.36
CA VAL A 420 45.79 4.69 21.50
C VAL A 420 47.20 4.73 21.03
N PRO A 421 48.07 5.45 21.76
CA PRO A 421 49.44 5.59 21.31
C PRO A 421 50.21 4.30 21.53
N LEU A 422 51.31 4.14 20.79
CA LEU A 422 52.21 3.01 20.92
C LEU A 422 53.22 3.28 22.04
N GLY A 440 50.53 1.21 3.97
CA GLY A 440 49.34 1.96 4.34
C GLY A 440 49.08 1.86 5.83
N LEU A 441 48.33 0.84 6.23
CA LEU A 441 47.91 0.62 7.60
C LEU A 441 48.07 -0.87 7.94
N ARG A 442 48.56 -1.18 9.15
CA ARG A 442 48.83 -2.59 9.51
C ARG A 442 47.86 -3.22 10.54
N LEU A 443 47.53 -4.52 10.32
CA LEU A 443 46.56 -5.22 11.18
C LEU A 443 47.21 -6.30 11.99
N GLU A 444 46.95 -6.36 13.29
CA GLU A 444 47.22 -7.59 14.00
C GLU A 444 45.90 -8.14 14.54
N ILE A 445 45.14 -8.73 13.63
CA ILE A 445 43.92 -9.41 14.01
C ILE A 445 43.93 -10.90 13.60
N PRO A 446 44.14 -11.81 14.56
CA PRO A 446 44.04 -13.25 14.34
C PRO A 446 42.76 -13.72 13.67
N LEU A 447 42.93 -14.65 12.73
CA LEU A 447 41.80 -15.31 12.06
C LEU A 447 42.08 -16.83 11.94
N ASP A 448 41.50 -17.70 12.77
CA ASP A 448 41.80 -19.14 12.62
C ASP A 448 40.94 -19.77 11.55
N ALA A 449 41.56 -19.91 10.39
CA ALA A 449 40.97 -20.48 9.19
C ALA A 449 39.99 -21.60 9.49
N GLN A 450 40.49 -22.60 10.19
CA GLN A 450 39.75 -23.79 10.58
C GLN A 450 38.53 -23.53 11.45
N GLU A 451 38.81 -23.01 12.64
CA GLU A 451 37.76 -22.71 13.60
C GLU A 451 36.62 -21.94 12.91
N LEU A 452 36.92 -20.83 12.28
CA LEU A 452 35.92 -20.08 11.51
C LEU A 452 35.12 -20.97 10.55
N SER A 453 35.80 -21.88 9.85
CA SER A 453 35.10 -22.69 8.87
C SER A 453 34.09 -23.59 9.57
N GLY A 454 34.45 -24.03 10.76
CA GLY A 454 33.59 -24.94 11.52
C GLY A 454 32.34 -24.22 11.98
N LEU A 455 32.43 -22.87 12.06
CA LEU A 455 31.25 -22.06 12.43
C LEU A 455 30.38 -21.58 11.22
N GLY A 456 30.74 -21.99 10.00
CA GLY A 456 29.95 -21.64 8.83
C GLY A 456 30.38 -20.36 8.10
N PHE A 457 31.60 -19.92 8.39
CA PHE A 457 32.26 -18.73 7.85
C PHE A 457 33.45 -19.15 7.04
N ASN A 458 33.35 -18.94 5.74
CA ASN A 458 34.37 -19.44 4.83
C ASN A 458 35.27 -18.37 4.18
N ASN A 459 36.49 -18.80 3.85
CA ASN A 459 37.39 -17.96 3.15
C ASN A 459 37.37 -16.55 3.73
N VAL A 460 37.65 -16.49 5.02
CA VAL A 460 37.63 -15.23 5.73
C VAL A 460 38.94 -14.46 5.63
N SER A 461 38.89 -13.20 5.27
CA SER A 461 40.11 -12.46 5.26
C SER A 461 39.89 -10.99 5.61
N LEU A 462 40.95 -10.38 6.14
CA LEU A 462 41.00 -8.99 6.53
C LEU A 462 42.17 -8.32 5.85
N SER A 463 41.92 -7.23 5.16
CA SER A 463 42.98 -6.62 4.40
C SER A 463 42.82 -5.10 4.43
N VAL A 464 43.91 -4.38 4.16
CA VAL A 464 43.87 -2.92 4.07
C VAL A 464 44.20 -2.40 2.68
N THR A 465 43.32 -1.60 2.08
CA THR A 465 43.69 -0.93 0.81
C THR A 465 43.28 0.56 0.70
N PRO A 466 43.97 1.32 -0.15
CA PRO A 466 43.63 2.72 -0.46
C PRO A 466 42.19 2.88 -0.89
N ALA A 467 41.49 3.79 -0.24
CA ALA A 467 40.11 4.10 -0.62
C ALA A 467 39.98 4.57 -2.09
N ALA A 468 41.01 5.18 -2.68
CA ALA A 468 41.02 5.44 -4.12
C ALA A 468 40.81 4.14 -4.98
N GLU B 2 24.74 8.41 -9.80
CA GLU B 2 24.34 7.78 -11.08
C GLU B 2 22.95 7.09 -11.05
N PRO B 3 22.51 6.55 -9.87
CA PRO B 3 21.11 6.01 -9.78
C PRO B 3 20.12 7.17 -9.89
N VAL B 4 19.03 7.03 -10.68
CA VAL B 4 17.93 8.01 -10.67
C VAL B 4 17.14 7.94 -9.35
N TYR B 5 16.94 9.06 -8.66
CA TYR B 5 16.12 9.10 -7.48
C TYR B 5 14.71 9.47 -7.81
N PRO B 6 13.81 8.50 -7.79
CA PRO B 6 12.45 8.90 -8.18
C PRO B 6 11.84 10.02 -7.30
N ASP B 7 12.23 10.15 -6.03
CA ASP B 7 11.65 11.27 -5.27
C ASP B 7 12.12 12.70 -5.72
N GLN B 8 12.93 12.77 -6.79
CA GLN B 8 13.41 14.06 -7.34
C GLN B 8 12.87 14.39 -8.74
N LEU B 9 12.26 13.40 -9.37
CA LEU B 9 11.45 13.68 -10.54
C LEU B 9 10.50 14.89 -10.30
N ARG B 10 10.22 15.62 -11.39
CA ARG B 10 9.25 16.70 -11.41
C ARG B 10 8.58 16.64 -12.80
N LEU B 11 7.27 16.85 -12.84
CA LEU B 11 6.52 16.76 -14.07
C LEU B 11 6.28 18.17 -14.60
N PHE B 12 6.60 18.41 -15.87
CA PHE B 12 6.23 19.72 -16.40
C PHE B 12 5.20 19.62 -17.50
N SER B 13 4.48 20.70 -17.69
CA SER B 13 3.41 20.69 -18.67
C SER B 13 3.68 21.80 -19.67
N LEU B 14 4.83 21.74 -20.32
CA LEU B 14 5.25 22.82 -21.18
C LEU B 14 5.32 22.47 -22.65
N GLY B 15 4.65 21.42 -23.05
CA GLY B 15 4.79 21.06 -24.45
C GLY B 15 5.76 19.91 -24.60
N GLN B 16 5.70 19.25 -25.76
CA GLN B 16 6.44 18.04 -26.01
C GLN B 16 7.94 18.12 -25.78
N GLY B 17 8.42 17.20 -24.95
CA GLY B 17 9.81 17.10 -24.51
C GLY B 17 10.43 18.30 -23.78
N VAL B 18 9.65 19.07 -23.02
CA VAL B 18 10.16 20.34 -22.53
C VAL B 18 10.14 20.39 -21.03
N CYS B 19 11.24 20.82 -20.42
CA CYS B 19 11.33 20.88 -18.95
C CYS B 19 11.47 22.30 -18.44
N GLY B 20 11.14 22.55 -17.21
CA GLY B 20 11.34 23.90 -16.73
C GLY B 20 12.84 24.16 -16.52
N ASP B 21 13.19 25.39 -16.16
CA ASP B 21 14.58 25.70 -15.85
C ASP B 21 15.11 24.67 -14.83
N LYS B 22 16.35 24.25 -15.01
CA LYS B 22 17.03 23.34 -14.09
C LYS B 22 16.73 21.86 -14.19
N TYR B 23 15.79 21.47 -15.09
CA TYR B 23 15.39 20.06 -15.23
C TYR B 23 15.65 19.59 -16.64
N ARG B 24 15.68 18.26 -16.88
CA ARG B 24 15.89 17.75 -18.24
C ARG B 24 15.11 16.48 -18.34
N PRO B 25 14.71 16.09 -19.56
CA PRO B 25 13.72 15.04 -19.68
C PRO B 25 14.29 13.71 -19.21
N VAL B 26 13.48 12.86 -18.58
CA VAL B 26 13.98 11.57 -18.12
C VAL B 26 14.04 10.63 -19.32
N ASN B 27 15.04 9.78 -19.45
CA ASN B 27 15.08 8.97 -20.68
C ASN B 27 14.42 7.63 -20.47
N ARG B 28 14.10 6.92 -21.55
CA ARG B 28 13.44 5.58 -21.46
C ARG B 28 14.16 4.60 -20.55
N GLU B 29 15.48 4.70 -20.41
CA GLU B 29 16.23 3.68 -19.71
C GLU B 29 16.19 4.03 -18.24
N GLU B 30 16.24 5.32 -17.95
CA GLU B 30 16.23 5.71 -16.57
C GLU B 30 14.82 5.41 -16.05
N ALA B 31 13.82 5.68 -16.86
CA ALA B 31 12.48 5.49 -16.33
C ALA B 31 12.23 3.99 -16.15
N GLN B 32 12.80 3.18 -17.01
CA GLN B 32 12.68 1.72 -16.83
C GLN B 32 13.31 1.30 -15.52
N SER B 33 14.43 1.90 -15.15
CA SER B 33 15.14 1.44 -13.94
C SER B 33 14.38 1.69 -12.63
N VAL B 34 13.44 2.65 -12.62
CA VAL B 34 12.65 2.92 -11.39
C VAL B 34 11.21 2.91 -11.82
N LYS B 35 10.91 2.02 -12.72
CA LYS B 35 9.62 2.13 -13.28
C LYS B 35 8.46 2.11 -12.29
N SER B 36 8.45 1.19 -11.32
CA SER B 36 7.24 1.12 -10.50
C SER B 36 7.03 2.39 -9.66
N ASN B 37 8.13 3.13 -9.39
CA ASN B 37 8.06 4.35 -8.59
C ASN B 37 7.40 5.43 -9.40
N ILE B 38 7.73 5.53 -10.68
CA ILE B 38 7.19 6.55 -11.55
C ILE B 38 5.71 6.37 -11.83
N VAL B 39 5.34 5.16 -12.28
CA VAL B 39 3.97 4.80 -12.48
C VAL B 39 3.21 5.07 -11.20
N GLY B 40 3.74 4.64 -10.05
CA GLY B 40 3.00 4.85 -8.84
C GLY B 40 2.81 6.35 -8.54
N MET B 41 3.50 7.23 -9.27
CA MET B 41 3.34 8.64 -8.97
C MET B 41 2.35 9.19 -10.00
N MET B 42 1.66 8.30 -10.70
CA MET B 42 0.85 8.68 -11.86
C MET B 42 -0.60 8.34 -11.68
N GLY B 43 -1.42 9.10 -12.39
CA GLY B 43 -2.86 8.85 -12.42
C GLY B 43 -3.16 7.69 -13.32
N GLN B 44 -4.25 7.02 -12.97
CA GLN B 44 -4.76 5.86 -13.67
C GLN B 44 -4.40 5.86 -15.16
N TRP B 45 -4.90 6.82 -15.94
CA TRP B 45 -4.72 6.80 -17.39
C TRP B 45 -3.74 7.88 -17.87
N GLN B 46 -2.94 8.36 -16.94
CA GLN B 46 -2.06 9.46 -17.27
C GLN B 46 -1.07 8.97 -18.28
N ILE B 47 -0.77 9.78 -19.31
CA ILE B 47 0.34 9.46 -20.19
C ILE B 47 1.31 10.61 -20.15
N SER B 48 2.57 10.37 -19.69
CA SER B 48 3.55 11.47 -19.58
C SER B 48 4.79 11.24 -20.40
N GLY B 49 5.42 12.30 -20.89
CA GLY B 49 6.52 12.11 -21.81
C GLY B 49 7.87 11.82 -21.14
N LEU B 50 8.72 11.16 -21.93
CA LEU B 50 10.11 10.84 -21.61
C LEU B 50 11.02 11.37 -22.71
N ALA B 51 12.32 11.14 -22.59
CA ALA B 51 13.22 11.70 -23.64
C ALA B 51 12.95 11.10 -24.98
N ASN B 52 13.06 11.93 -25.98
CA ASN B 52 13.34 11.39 -27.28
C ASN B 52 12.25 10.52 -27.88
N GLY B 53 11.01 10.99 -27.72
CA GLY B 53 9.86 10.33 -28.36
C GLY B 53 9.22 9.17 -27.58
N TRP B 54 9.37 9.09 -26.26
CA TRP B 54 8.88 7.93 -25.49
C TRP B 54 7.93 8.44 -24.47
N VAL B 55 7.05 7.57 -23.96
CA VAL B 55 6.13 7.96 -22.92
C VAL B 55 6.02 6.81 -21.98
N ILE B 56 5.72 7.14 -20.71
CA ILE B 56 5.35 6.10 -19.79
C ILE B 56 3.86 6.29 -19.50
N MET B 57 3.11 5.21 -19.23
CA MET B 57 1.66 5.29 -19.02
C MET B 57 1.29 4.99 -17.55
N GLY B 58 0.09 5.37 -17.11
CA GLY B 58 -0.33 5.23 -15.71
C GLY B 58 -0.57 3.78 -15.30
N PRO B 59 -0.86 3.57 -14.01
CA PRO B 59 -1.08 2.22 -13.57
C PRO B 59 -2.27 1.57 -14.31
N GLY B 60 -3.17 2.37 -14.84
CA GLY B 60 -4.29 1.73 -15.45
C GLY B 60 -3.86 1.04 -16.74
N TYR B 61 -2.86 1.64 -17.44
CA TYR B 61 -2.25 0.98 -18.63
C TYR B 61 -1.10 0.04 -18.22
N ASN B 62 -0.98 -0.30 -16.93
CA ASN B 62 0.13 -1.13 -16.51
C ASN B 62 1.49 -0.51 -16.58
N GLY B 63 1.57 0.79 -16.62
CA GLY B 63 2.90 1.44 -16.58
C GLY B 63 3.74 1.10 -17.77
N GLU B 64 3.11 1.04 -18.92
CA GLU B 64 3.78 0.72 -20.14
C GLU B 64 4.68 1.85 -20.58
N ILE B 65 5.88 1.49 -21.00
CA ILE B 65 6.80 2.45 -21.68
C ILE B 65 6.89 2.08 -23.19
N LYS B 66 6.56 3.04 -24.06
CA LYS B 66 6.42 2.81 -25.49
C LYS B 66 6.59 4.16 -26.16
N PRO B 67 6.89 4.15 -27.47
CA PRO B 67 7.09 5.38 -28.18
C PRO B 67 5.76 6.15 -28.23
N GLY B 68 5.83 7.47 -28.18
CA GLY B 68 4.58 8.20 -28.23
C GLY B 68 4.93 9.64 -27.93
N THR B 69 3.94 10.52 -28.09
CA THR B 69 4.13 11.94 -27.89
C THR B 69 3.24 12.39 -26.75
N ALA B 70 3.71 13.35 -25.95
CA ALA B 70 2.88 13.86 -24.86
C ALA B 70 3.25 15.32 -24.54
N SER B 71 2.24 16.14 -24.38
CA SER B 71 2.54 17.53 -23.99
C SER B 71 3.03 17.72 -22.56
N ASN B 72 3.17 16.68 -21.74
CA ASN B 72 3.67 16.89 -20.40
C ASN B 72 4.81 15.91 -20.22
N THR B 73 5.84 16.29 -19.50
CA THR B 73 7.09 15.54 -19.50
C THR B 73 7.66 15.26 -18.10
N TRP B 74 8.12 14.03 -17.85
CA TRP B 74 8.70 13.64 -16.55
C TRP B 74 10.12 14.12 -16.59
N CYS B 75 10.56 14.98 -15.69
CA CYS B 75 11.90 15.59 -15.85
C CYS B 75 12.71 15.36 -14.58
N TYR B 76 14.01 15.60 -14.64
CA TYR B 76 14.91 15.23 -13.54
C TYR B 76 15.91 16.32 -13.41
N PRO B 77 16.43 16.62 -12.22
CA PRO B 77 17.29 17.82 -12.16
C PRO B 77 18.61 17.63 -12.90
N THR B 78 19.07 18.68 -13.56
CA THR B 78 20.41 18.69 -14.16
C THR B 78 21.47 18.63 -13.04
N ASN B 79 21.10 19.17 -11.90
CA ASN B 79 21.91 19.08 -10.66
C ASN B 79 21.14 18.43 -9.51
N PRO B 80 20.98 17.12 -9.51
CA PRO B 80 20.26 16.40 -8.45
C PRO B 80 21.08 16.34 -7.16
N VAL B 81 20.41 16.13 -6.04
CA VAL B 81 21.09 15.90 -4.78
C VAL B 81 21.50 14.40 -4.73
N THR B 82 22.82 14.15 -4.72
CA THR B 82 23.32 12.77 -4.69
C THR B 82 23.26 12.16 -3.28
N GLY B 83 23.58 10.88 -3.21
CA GLY B 83 23.66 10.13 -1.96
C GLY B 83 22.45 10.25 -1.05
N GLU B 84 21.24 10.01 -1.58
CA GLU B 84 20.03 10.01 -0.74
C GLU B 84 20.10 9.00 0.40
N ILE B 85 19.30 9.17 1.46
CA ILE B 85 19.27 8.22 2.54
C ILE B 85 18.22 7.14 2.25
N PRO B 86 18.65 5.90 2.12
CA PRO B 86 17.72 4.86 1.62
C PRO B 86 16.58 4.73 2.63
N THR B 87 15.43 4.29 2.17
CA THR B 87 14.36 3.94 3.06
C THR B 87 14.34 2.43 3.19
N LEU B 88 14.80 1.91 4.32
CA LEU B 88 14.67 0.48 4.66
C LEU B 88 13.24 -0.05 4.87
N SER B 89 13.06 -1.34 4.56
CA SER B 89 11.86 -2.08 5.01
C SER B 89 11.53 -1.78 6.46
N ALA B 90 10.25 -1.61 6.73
CA ALA B 90 9.77 -1.38 8.08
C ALA B 90 10.18 -2.46 9.09
N LEU B 91 10.29 -2.04 10.33
CA LEU B 91 10.58 -2.95 11.43
C LEU B 91 9.28 -3.19 12.18
N ASP B 92 8.70 -4.37 12.04
CA ASP B 92 7.39 -4.61 12.68
C ASP B 92 7.48 -5.20 14.08
N ILE B 93 6.79 -4.54 15.00
CA ILE B 93 6.80 -5.01 16.37
C ILE B 93 5.43 -5.56 16.68
N PRO B 94 5.35 -6.78 17.20
CA PRO B 94 3.97 -7.28 17.38
C PRO B 94 3.26 -6.55 18.54
N ASP B 95 1.94 -6.60 18.49
CA ASP B 95 1.12 -6.04 19.52
C ASP B 95 1.57 -6.43 20.89
N GLY B 96 1.52 -5.48 21.81
CA GLY B 96 1.65 -5.78 23.25
C GLY B 96 1.33 -4.51 24.01
N ASP B 97 1.56 -4.51 25.33
CA ASP B 97 1.39 -3.32 26.16
C ASP B 97 2.39 -2.29 25.63
N GLU B 98 2.13 -1.03 25.92
CA GLU B 98 2.95 0.06 25.44
C GLU B 98 4.38 -0.03 25.93
N VAL B 99 4.58 -0.24 27.22
CA VAL B 99 5.94 -0.32 27.75
C VAL B 99 6.71 -1.44 27.08
N ASP B 100 6.04 -2.52 26.81
CA ASP B 100 6.72 -3.66 26.22
C ASP B 100 7.09 -3.42 24.75
N VAL B 101 6.20 -2.71 24.03
CA VAL B 101 6.43 -2.41 22.63
C VAL B 101 7.59 -1.43 22.49
N GLN B 102 7.62 -0.36 23.28
CA GLN B 102 8.71 0.56 23.30
C GLN B 102 9.99 -0.15 23.67
N TRP B 103 9.92 -1.03 24.67
CA TRP B 103 11.12 -1.76 25.10
C TRP B 103 11.70 -2.58 23.98
N ARG B 104 10.87 -3.24 23.20
CA ARG B 104 11.42 -4.08 22.17
C ARG B 104 12.09 -3.15 21.16
N LEU B 105 11.61 -1.90 21.08
CA LEU B 105 12.22 -0.99 20.16
C LEU B 105 13.54 -0.46 20.67
N VAL B 106 13.54 0.15 21.86
CA VAL B 106 14.67 0.98 22.22
C VAL B 106 15.78 0.15 22.85
N HIS B 107 15.55 -1.13 23.12
CA HIS B 107 16.59 -1.96 23.74
C HIS B 107 17.27 -2.88 22.69
N ASP B 108 16.92 -2.67 21.44
CA ASP B 108 17.45 -3.48 20.40
C ASP B 108 18.75 -2.81 20.02
N SER B 109 19.82 -3.49 20.32
CA SER B 109 21.13 -3.00 20.01
C SER B 109 21.45 -2.79 18.53
N ALA B 110 21.05 -3.72 17.68
CA ALA B 110 21.42 -3.58 16.30
C ALA B 110 20.59 -2.54 15.56
N ASN B 111 19.29 -2.47 15.88
CA ASN B 111 18.37 -1.58 15.15
C ASN B 111 18.04 -0.22 15.83
N PHE B 112 18.49 0.01 17.04
CA PHE B 112 18.15 1.26 17.71
C PHE B 112 19.29 1.84 18.52
N ILE B 113 19.92 1.07 19.41
CA ILE B 113 20.92 1.65 20.31
C ILE B 113 22.19 2.01 19.56
N LYS B 114 22.74 1.05 18.81
CA LYS B 114 23.93 1.23 17.94
C LYS B 114 23.69 2.34 16.87
N PRO B 115 22.63 2.30 16.07
CA PRO B 115 22.40 3.38 15.14
C PRO B 115 22.33 4.75 15.82
N THR B 116 21.46 4.95 16.80
CA THR B 116 21.36 6.25 17.37
C THR B 116 22.61 6.65 18.17
N SER B 117 23.33 5.73 18.74
CA SER B 117 24.51 6.14 19.42
C SER B 117 25.52 6.58 18.39
N TYR B 118 25.64 5.82 17.30
CA TYR B 118 26.49 6.26 16.19
C TYR B 118 26.18 7.65 15.72
N LEU B 119 24.90 7.91 15.53
CA LEU B 119 24.47 9.19 15.08
C LEU B 119 25.01 10.27 16.00
N ALA B 120 24.79 10.12 17.31
CA ALA B 120 25.33 11.08 18.30
C ALA B 120 26.81 11.27 18.09
N HIS B 121 27.49 10.17 17.89
CA HIS B 121 28.92 10.19 17.84
C HIS B 121 29.42 10.88 16.56
N TYR B 122 28.71 10.70 15.46
CA TYR B 122 29.14 11.32 14.23
C TYR B 122 28.92 12.85 14.24
N LEU B 123 27.92 13.28 14.99
CA LEU B 123 27.69 14.70 15.17
C LEU B 123 28.67 15.35 16.10
N GLY B 124 29.57 14.57 16.73
CA GLY B 124 30.61 15.10 17.64
C GLY B 124 30.24 15.10 19.11
N TYR B 125 29.17 14.44 19.46
CA TYR B 125 28.80 14.30 20.83
C TYR B 125 29.85 13.49 21.51
N ALA B 126 30.27 13.88 22.69
CA ALA B 126 31.32 13.17 23.34
C ALA B 126 30.79 12.04 24.23
N TRP B 127 31.61 11.00 24.34
CA TRP B 127 31.31 9.87 25.20
C TRP B 127 29.98 9.16 24.95
N VAL B 128 29.85 8.51 23.80
CA VAL B 128 28.66 7.77 23.60
C VAL B 128 28.86 6.30 23.82
N GLY B 129 29.09 5.87 25.04
CA GLY B 129 29.13 4.46 25.32
C GLY B 129 29.41 4.29 26.81
N GLY B 130 29.17 3.07 27.29
CA GLY B 130 29.29 2.76 28.71
C GLY B 130 30.75 2.73 29.00
N ASN B 131 31.14 2.49 30.25
CA ASN B 131 32.53 2.46 30.68
C ASN B 131 33.06 1.04 30.46
N HIS B 132 32.18 0.10 30.13
CA HIS B 132 32.64 -1.29 29.88
C HIS B 132 32.92 -1.65 28.44
N SER B 133 32.94 -0.64 27.56
CA SER B 133 33.36 -0.91 26.21
C SER B 133 34.19 0.25 25.71
N GLN B 134 35.05 -0.03 24.74
CA GLN B 134 35.83 1.03 24.10
C GLN B 134 35.14 1.35 22.75
N TYR B 135 33.88 0.92 22.56
CA TYR B 135 33.25 1.09 21.26
C TYR B 135 32.00 1.85 21.50
N VAL B 136 31.49 2.50 20.47
CA VAL B 136 30.44 3.48 20.58
C VAL B 136 29.12 2.74 20.72
N GLY B 137 28.26 3.17 21.64
CA GLY B 137 26.95 2.52 21.77
C GLY B 137 27.02 1.13 22.37
N GLU B 138 28.11 0.77 23.04
CA GLU B 138 28.08 -0.42 23.86
C GLU B 138 28.06 -0.09 25.36
N ASP B 139 27.60 -1.03 26.18
CA ASP B 139 27.47 -0.79 27.62
C ASP B 139 26.58 0.41 27.93
N MET B 140 25.36 0.34 27.40
CA MET B 140 24.43 1.44 27.45
C MET B 140 23.22 0.98 28.21
N ASP B 141 22.92 1.81 29.21
CA ASP B 141 21.82 1.59 30.09
C ASP B 141 20.59 2.26 29.50
N VAL B 142 19.49 1.52 29.44
CA VAL B 142 18.22 2.05 28.94
C VAL B 142 17.29 2.22 30.15
N THR B 143 16.95 3.46 30.52
CA THR B 143 16.10 3.62 31.69
C THR B 143 14.85 4.49 31.48
N ARG B 144 13.76 4.14 32.18
CA ARG B 144 12.52 4.86 32.04
C ARG B 144 12.64 6.33 32.39
N ASP B 145 11.93 7.12 31.60
CA ASP B 145 11.79 8.53 31.84
C ASP B 145 10.35 8.94 31.47
N GLY B 146 9.48 8.95 32.47
CA GLY B 146 8.05 9.19 32.23
C GLY B 146 7.49 8.29 31.13
N ASP B 147 7.25 8.87 29.95
CA ASP B 147 6.60 8.03 28.95
C ASP B 147 7.52 7.53 27.88
N GLY B 148 8.80 7.84 28.06
CA GLY B 148 9.85 7.51 27.11
C GLY B 148 10.99 6.84 27.84
N TRP B 149 12.21 7.01 27.33
CA TRP B 149 13.36 6.30 27.83
C TRP B 149 14.61 7.15 27.62
N VAL B 150 15.63 6.77 28.35
CA VAL B 150 16.93 7.41 28.20
C VAL B 150 17.95 6.29 28.02
N ILE B 151 18.88 6.45 27.07
CA ILE B 151 19.93 5.50 26.86
C ILE B 151 21.17 6.35 27.02
N ARG B 152 22.07 5.91 27.86
CA ARG B 152 23.24 6.68 28.25
C ARG B 152 24.26 5.63 28.71
N GLY B 153 25.52 5.79 28.33
CA GLY B 153 26.60 4.94 28.80
C GLY B 153 26.55 4.69 30.29
N ASN B 154 26.89 3.46 30.66
CA ASN B 154 26.89 3.10 32.05
C ASN B 154 27.96 3.92 32.73
N ASN B 155 27.73 4.22 33.99
CA ASN B 155 28.63 5.13 34.65
C ASN B 155 29.22 4.60 35.93
N ASP B 156 29.06 3.29 36.14
CA ASP B 156 29.63 2.57 37.30
C ASP B 156 31.16 2.69 37.39
N GLY B 157 31.70 2.56 38.61
CA GLY B 157 33.13 2.77 38.81
C GLY B 157 33.53 4.09 38.19
N GLY B 158 34.83 4.34 38.06
CA GLY B 158 35.28 5.63 37.55
C GLY B 158 35.88 5.58 36.17
N CYS B 159 36.46 6.71 35.72
CA CYS B 159 37.02 6.77 34.36
C CYS B 159 38.17 7.78 34.09
N ASP B 160 38.80 7.57 32.94
CA ASP B 160 39.69 8.57 32.33
C ASP B 160 39.02 9.31 31.16
N GLY B 161 39.75 10.26 30.60
CA GLY B 161 39.24 11.12 29.54
C GLY B 161 38.83 12.42 30.18
N TYR B 162 38.98 13.51 29.44
CA TYR B 162 38.47 14.80 29.84
C TYR B 162 36.94 14.72 30.01
N ARG B 163 36.45 15.09 31.19
CA ARG B 163 35.01 15.08 31.49
C ARG B 163 34.33 13.74 31.20
N CYS B 164 35.05 12.63 31.35
CA CYS B 164 34.57 11.33 30.87
C CYS B 164 33.30 10.82 31.56
N GLY B 165 33.02 11.38 32.73
CA GLY B 165 31.81 11.07 33.44
C GLY B 165 30.58 11.69 32.81
N ASP B 166 30.78 12.59 31.83
CA ASP B 166 29.65 13.30 31.23
C ASP B 166 29.19 12.55 29.98
N LYS B 167 28.44 11.49 30.15
CA LYS B 167 28.12 10.72 28.98
C LYS B 167 27.03 11.47 28.20
N THR B 168 26.96 11.19 26.89
CA THR B 168 25.89 11.70 26.07
C THR B 168 24.69 10.86 26.33
N ALA B 169 23.54 11.50 26.33
CA ALA B 169 22.28 10.78 26.51
C ALA B 169 21.40 10.90 25.26
N ILE B 170 20.62 9.87 25.01
CA ILE B 170 19.74 9.80 23.86
C ILE B 170 18.37 9.59 24.45
N LYS B 171 17.55 10.62 24.49
CA LYS B 171 16.30 10.50 25.14
C LYS B 171 15.24 10.22 24.07
N VAL B 172 14.42 9.21 24.33
CA VAL B 172 13.39 8.81 23.35
C VAL B 172 12.09 9.16 23.96
N SER B 173 11.39 10.09 23.34
CA SER B 173 10.16 10.49 23.96
C SER B 173 9.12 10.78 22.94
N ASN B 174 7.97 11.14 23.45
CA ASN B 174 6.89 11.67 22.65
C ASN B 174 6.40 10.68 21.56
N PHE B 175 6.34 9.45 22.00
CA PHE B 175 5.85 8.43 21.12
C PHE B 175 4.42 8.71 20.67
N ALA B 176 4.14 8.44 19.43
CA ALA B 176 2.80 8.54 18.93
C ALA B 176 2.58 7.28 18.09
N TYR B 177 1.35 6.85 17.93
CA TYR B 177 1.12 5.67 17.12
C TYR B 177 -0.09 5.90 16.21
N ASN B 178 0.15 5.89 14.92
CA ASN B 178 -0.95 6.25 14.01
C ASN B 178 -1.50 5.02 13.26
N LEU B 179 -2.73 4.61 13.51
CA LEU B 179 -3.18 3.36 12.95
C LEU B 179 -3.39 3.49 11.44
N ASP B 180 -2.89 2.53 10.64
CA ASP B 180 -3.03 2.69 9.18
C ASP B 180 -4.15 1.78 8.64
N PRO B 181 -5.27 2.40 8.26
CA PRO B 181 -6.46 1.64 7.87
C PRO B 181 -6.12 0.72 6.71
N ASP B 182 -5.25 1.21 5.84
CA ASP B 182 -4.90 0.44 4.65
C ASP B 182 -4.11 -0.86 4.91
N SER B 183 -3.61 -0.99 6.14
CA SER B 183 -2.83 -2.12 6.56
C SER B 183 -3.73 -3.26 7.11
N PHE B 184 -5.04 -3.03 7.09
CA PHE B 184 -5.97 -3.99 7.60
C PHE B 184 -5.63 -5.40 7.15
N LYS B 185 -5.86 -6.37 8.04
CA LYS B 185 -5.72 -7.81 7.72
C LYS B 185 -6.48 -8.57 8.74
N HIS B 186 -7.01 -9.72 8.35
CA HIS B 186 -7.93 -10.45 9.22
C HIS B 186 -7.68 -11.91 9.07
N GLY B 187 -7.78 -12.62 10.18
CA GLY B 187 -7.50 -14.06 10.17
C GLY B 187 -8.71 -14.74 9.59
N ASP B 188 -8.95 -15.98 9.99
CA ASP B 188 -10.01 -16.79 9.35
C ASP B 188 -11.38 -16.31 9.80
N VAL B 189 -12.36 -16.26 8.90
CA VAL B 189 -13.71 -15.88 9.31
C VAL B 189 -14.31 -16.89 10.31
N THR B 190 -14.34 -16.54 11.60
CA THR B 190 -14.87 -17.44 12.61
C THR B 190 -16.32 -17.77 12.25
N GLN B 191 -17.04 -16.79 11.74
CA GLN B 191 -18.45 -17.01 11.43
C GLN B 191 -18.95 -16.08 10.31
N SER B 192 -19.69 -16.70 9.41
CA SER B 192 -20.17 -16.01 8.21
C SER B 192 -21.39 -16.64 7.56
N ASP B 193 -22.26 -15.81 7.05
CA ASP B 193 -23.52 -16.27 6.48
C ASP B 193 -24.36 -15.07 6.11
N ARG B 194 -24.89 -15.07 4.91
CA ARG B 194 -25.74 -14.01 4.46
C ARG B 194 -27.11 -14.64 4.36
N GLN B 195 -28.04 -14.20 5.18
CA GLN B 195 -29.33 -14.88 5.32
C GLN B 195 -30.55 -14.08 4.80
N LEU B 196 -31.28 -14.71 3.88
CA LEU B 196 -32.47 -14.11 3.32
C LEU B 196 -33.50 -14.11 4.43
N VAL B 197 -33.87 -12.94 4.91
CA VAL B 197 -34.83 -12.90 6.01
C VAL B 197 -36.26 -12.78 5.48
N LYS B 198 -36.51 -11.74 4.69
CA LYS B 198 -37.82 -11.60 4.10
C LYS B 198 -37.71 -11.24 2.60
N THR B 199 -38.68 -11.62 1.82
CA THR B 199 -38.73 -11.12 0.48
C THR B 199 -39.94 -10.23 0.28
N VAL B 200 -39.76 -9.02 -0.23
CA VAL B 200 -40.89 -8.18 -0.57
C VAL B 200 -41.10 -8.36 -2.05
N VAL B 201 -42.32 -8.76 -2.45
CA VAL B 201 -42.60 -9.11 -3.84
C VAL B 201 -43.83 -8.45 -4.39
N GLY B 202 -43.87 -8.15 -5.69
CA GLY B 202 -45.14 -7.71 -6.22
C GLY B 202 -45.14 -7.29 -7.65
N TRP B 203 -45.91 -6.25 -7.94
CA TRP B 203 -46.03 -5.75 -9.29
C TRP B 203 -45.98 -4.24 -9.36
N ALA B 204 -45.39 -3.76 -10.44
CA ALA B 204 -45.59 -2.38 -10.87
C ALA B 204 -46.39 -2.48 -12.17
N VAL B 205 -47.53 -1.83 -12.23
CA VAL B 205 -48.29 -1.86 -13.45
C VAL B 205 -48.14 -0.55 -14.20
N ASN B 206 -48.39 -0.61 -15.50
CA ASN B 206 -48.56 0.55 -16.33
C ASN B 206 -49.94 0.38 -16.89
N ASP B 207 -50.88 1.17 -16.37
CA ASP B 207 -52.25 1.05 -16.80
C ASP B 207 -52.53 1.75 -18.14
N SER B 208 -51.55 2.45 -18.71
CA SER B 208 -51.75 3.34 -19.89
C SER B 208 -51.19 2.86 -21.27
N ASP B 209 -51.57 3.57 -22.33
CA ASP B 209 -51.14 3.27 -23.71
C ASP B 209 -49.71 3.63 -23.93
N THR B 210 -49.27 4.65 -23.24
CA THR B 210 -47.89 5.08 -23.30
C THR B 210 -47.05 4.03 -22.57
N PRO B 211 -45.93 3.62 -23.18
CA PRO B 211 -45.00 2.69 -22.54
C PRO B 211 -44.18 3.47 -21.50
N GLN B 212 -44.74 3.56 -20.30
CA GLN B 212 -44.10 4.31 -19.20
C GLN B 212 -42.64 3.90 -18.98
N SER B 213 -41.79 4.92 -18.89
CA SER B 213 -40.36 4.68 -18.75
C SER B 213 -39.48 5.82 -18.25
N GLY B 214 -40.06 6.79 -17.55
CA GLY B 214 -39.23 7.86 -17.05
C GLY B 214 -39.03 7.82 -15.55
N TYR B 215 -39.61 6.80 -14.92
CA TYR B 215 -39.84 6.83 -13.48
C TYR B 215 -38.86 5.99 -12.73
N ASP B 216 -38.42 6.55 -11.60
CA ASP B 216 -37.77 5.75 -10.58
C ASP B 216 -38.80 5.19 -9.62
N VAL B 217 -38.54 3.97 -9.16
CA VAL B 217 -39.26 3.34 -8.06
C VAL B 217 -38.19 3.19 -7.02
N THR B 218 -38.47 3.54 -5.79
CA THR B 218 -37.38 3.66 -4.83
C THR B 218 -37.80 3.16 -3.48
N LEU B 219 -37.00 2.25 -2.91
CA LEU B 219 -37.19 1.69 -1.53
C LEU B 219 -36.58 2.66 -0.50
N ARG B 220 -37.22 2.85 0.65
CA ARG B 220 -36.62 3.64 1.75
C ARG B 220 -36.76 2.85 3.03
N GLY B 221 -36.15 3.31 4.12
CA GLY B 221 -36.33 2.64 5.41
C GLY B 221 -34.99 2.62 6.09
N ASP B 222 -34.93 2.10 7.32
CA ASP B 222 -33.65 1.92 7.93
C ASP B 222 -33.54 0.67 8.78
N THR B 223 -32.31 0.29 9.06
CA THR B 223 -31.99 -0.83 9.93
C THR B 223 -30.73 -0.47 10.72
N ALA B 224 -30.16 -1.48 11.36
CA ALA B 224 -29.09 -1.29 12.31
C ALA B 224 -27.89 -2.14 11.87
N THR B 225 -26.69 -1.64 12.11
CA THR B 225 -25.54 -2.51 12.18
C THR B 225 -25.14 -2.53 13.64
N ASN B 226 -24.97 -3.69 14.23
CA ASN B 226 -24.53 -3.73 15.60
C ASN B 226 -23.18 -4.40 15.59
N TRP B 227 -22.20 -3.70 16.15
CA TRP B 227 -20.85 -4.25 16.15
C TRP B 227 -20.15 -4.10 17.44
N SER B 228 -19.06 -4.82 17.53
CA SER B 228 -18.18 -4.77 18.66
C SER B 228 -16.78 -5.19 18.21
N LYS B 229 -15.76 -4.73 18.95
CA LYS B 229 -14.41 -5.30 18.87
C LYS B 229 -13.75 -5.33 20.24
N THR B 230 -12.76 -6.21 20.40
CA THR B 230 -11.79 -6.17 21.49
C THR B 230 -10.42 -5.61 21.05
N ASN B 231 -9.60 -5.37 22.08
CA ASN B 231 -8.22 -4.97 21.93
C ASN B 231 -7.36 -5.90 22.79
N THR B 232 -6.43 -6.61 22.18
CA THR B 232 -5.72 -7.66 22.90
C THR B 232 -4.79 -7.08 23.97
N TYR B 233 -4.23 -5.92 23.69
CA TYR B 233 -3.26 -5.33 24.60
C TYR B 233 -3.56 -3.82 24.94
N GLY B 234 -2.76 -3.23 25.83
CA GLY B 234 -2.92 -1.82 26.13
C GLY B 234 -2.39 -0.78 25.15
N LEU B 235 -1.56 -1.13 24.20
CA LEU B 235 -1.00 -0.05 23.38
C LEU B 235 -2.20 0.62 22.69
N SER B 236 -3.27 -0.15 22.47
CA SER B 236 -4.45 0.40 21.88
C SER B 236 -5.00 1.62 22.64
N GLU B 237 -4.71 1.75 23.94
CA GLU B 237 -5.19 2.93 24.67
C GLU B 237 -4.63 4.25 24.09
N LYS B 238 -3.51 4.19 23.35
CA LYS B 238 -2.74 5.38 23.01
C LYS B 238 -2.67 5.56 21.50
N VAL B 239 -3.29 4.60 20.79
CA VAL B 239 -3.30 4.56 19.34
C VAL B 239 -4.48 5.37 18.79
N THR B 240 -4.24 6.18 17.76
CA THR B 240 -5.31 6.92 17.10
C THR B 240 -5.20 6.74 15.60
N THR B 241 -6.17 7.31 14.87
CA THR B 241 -6.08 7.28 13.43
C THR B 241 -6.26 8.69 12.97
N LYS B 242 -5.52 9.08 11.95
CA LYS B 242 -5.43 10.49 11.60
C LYS B 242 -6.77 11.03 10.97
N ASN B 243 -7.39 10.20 10.13
CA ASN B 243 -8.64 10.50 9.50
C ASN B 243 -9.60 9.38 9.76
N LYS B 244 -10.89 9.68 9.88
CA LYS B 244 -11.86 8.64 10.10
C LYS B 244 -11.88 7.70 8.87
N PHE B 245 -12.29 6.46 9.04
CA PHE B 245 -12.46 5.56 7.89
C PHE B 245 -13.57 4.61 8.15
N LYS B 246 -14.14 4.02 7.12
CA LYS B 246 -15.17 3.04 7.36
C LYS B 246 -14.52 1.68 7.59
N TRP B 247 -14.99 0.91 8.56
CA TRP B 247 -14.48 -0.44 8.73
C TRP B 247 -14.60 -1.14 7.39
N PRO B 248 -13.52 -1.83 7.00
CA PRO B 248 -13.36 -2.46 5.69
C PRO B 248 -14.35 -3.58 5.51
N LEU B 249 -14.68 -3.82 4.25
CA LEU B 249 -15.60 -4.85 3.84
C LEU B 249 -14.90 -6.23 3.74
N VAL B 250 -15.38 -7.20 4.51
CA VAL B 250 -14.98 -8.56 4.37
C VAL B 250 -16.14 -9.33 3.79
N GLY B 251 -15.85 -10.14 2.79
CA GLY B 251 -16.87 -10.96 2.14
C GLY B 251 -18.08 -10.21 1.62
N GLU B 252 -19.15 -10.97 1.47
CA GLU B 252 -20.39 -10.53 0.90
C GLU B 252 -21.33 -9.77 1.82
N THR B 253 -20.78 -9.18 2.90
CA THR B 253 -21.56 -8.33 3.78
C THR B 253 -21.23 -6.87 3.45
N GLU B 254 -21.87 -5.99 4.19
CA GLU B 254 -21.74 -4.57 4.07
C GLU B 254 -22.11 -3.94 5.42
N LEU B 255 -21.18 -3.24 6.06
CA LEU B 255 -21.46 -2.60 7.33
C LEU B 255 -21.34 -1.08 7.23
N SER B 256 -21.81 -0.39 8.22
CA SER B 256 -21.66 1.03 8.26
C SER B 256 -20.97 1.36 9.57
N ILE B 257 -19.72 1.05 9.62
CA ILE B 257 -19.01 1.34 10.81
C ILE B 257 -17.97 2.37 10.48
N GLU B 258 -18.06 3.52 11.12
CA GLU B 258 -17.02 4.47 10.98
C GLU B 258 -16.19 4.46 12.23
N ILE B 259 -14.88 4.31 12.08
CA ILE B 259 -13.95 4.66 13.16
C ILE B 259 -13.57 6.16 13.07
N ALA B 260 -13.54 6.82 14.23
CA ALA B 260 -13.42 8.23 14.32
C ALA B 260 -11.96 8.59 14.52
N ALA B 261 -11.59 9.79 14.09
CA ALA B 261 -10.19 10.32 14.28
C ALA B 261 -9.92 10.89 15.68
N ASN B 262 -8.67 11.03 16.06
CA ASN B 262 -8.39 11.62 17.35
C ASN B 262 -9.10 11.00 18.53
N GLN B 263 -9.26 9.70 18.53
CA GLN B 263 -9.96 9.13 19.64
C GLN B 263 -9.34 7.78 19.86
N SER B 264 -9.12 7.42 21.09
CA SER B 264 -8.46 6.16 21.38
C SER B 264 -8.96 4.96 20.59
N TRP B 265 -8.09 4.09 20.16
CA TRP B 265 -8.51 2.91 19.45
C TRP B 265 -9.35 2.05 20.42
N ALA B 266 -8.83 1.92 21.64
CA ALA B 266 -9.39 1.15 22.75
C ALA B 266 -10.66 1.75 23.36
N SER B 267 -11.12 2.87 22.84
CA SER B 267 -12.33 3.45 23.40
C SER B 267 -13.34 3.47 22.27
N GLN B 268 -13.05 2.72 21.24
CA GLN B 268 -14.05 2.57 20.23
C GLN B 268 -14.33 1.06 20.11
N ASN B 269 -15.17 0.54 20.99
CA ASN B 269 -15.39 -0.89 20.98
C ASN B 269 -16.75 -1.41 20.49
N GLY B 270 -17.47 -0.61 19.69
CA GLY B 270 -18.67 -1.13 19.06
C GLY B 270 -19.82 -0.24 19.37
N GLY B 271 -21.03 -0.69 19.10
CA GLY B 271 -22.22 0.17 19.21
C GLY B 271 -23.19 -0.06 18.07
N SER B 272 -24.22 0.77 17.96
CA SER B 272 -25.25 0.51 16.93
C SER B 272 -25.57 1.69 16.05
N THR B 273 -25.12 1.60 14.81
CA THR B 273 -25.25 2.68 13.89
C THR B 273 -26.39 2.23 13.00
N THR B 274 -27.23 3.17 12.56
CA THR B 274 -28.36 2.83 11.73
C THR B 274 -28.05 3.07 10.24
N THR B 275 -27.80 2.00 9.50
CA THR B 275 -27.63 2.12 8.04
C THR B 275 -28.95 2.58 7.39
N SER B 276 -28.89 2.80 6.09
CA SER B 276 -30.07 3.34 5.42
C SER B 276 -30.44 2.61 4.12
N LEU B 277 -31.70 2.25 4.00
CA LEU B 277 -32.20 1.59 2.81
C LEU B 277 -32.41 2.62 1.69
N SER B 278 -31.89 2.26 0.53
CA SER B 278 -32.03 3.07 -0.64
C SER B 278 -31.58 2.26 -1.83
N GLN B 279 -32.57 1.95 -2.65
CA GLN B 279 -32.32 1.27 -3.89
C GLN B 279 -33.25 1.95 -4.84
N SER B 280 -32.87 2.11 -6.08
CA SER B 280 -33.80 2.68 -7.01
C SER B 280 -33.74 1.87 -8.26
N VAL B 281 -34.72 2.02 -9.13
CA VAL B 281 -34.69 1.24 -10.32
C VAL B 281 -35.52 1.93 -11.39
N ARG B 282 -34.91 1.94 -12.57
CA ARG B 282 -35.54 2.52 -13.74
C ARG B 282 -36.16 1.44 -14.55
N PRO B 283 -37.47 1.19 -14.37
CA PRO B 283 -38.10 0.19 -15.17
C PRO B 283 -38.74 0.82 -16.40
N THR B 284 -38.76 0.05 -17.48
CA THR B 284 -39.46 0.42 -18.69
C THR B 284 -40.63 -0.52 -18.69
N VAL B 285 -41.83 0.00 -18.80
CA VAL B 285 -42.98 -0.87 -18.78
C VAL B 285 -43.79 -0.80 -20.05
N PRO B 286 -43.82 -1.93 -20.74
CA PRO B 286 -44.54 -2.03 -22.00
C PRO B 286 -46.04 -1.70 -21.91
N ALA B 287 -46.62 -1.46 -23.08
CA ALA B 287 -48.00 -1.09 -23.30
C ALA B 287 -49.00 -1.83 -22.41
N ARG B 288 -49.55 -1.14 -21.41
CA ARG B 288 -50.54 -1.66 -20.45
C ARG B 288 -50.21 -3.08 -19.98
N SER B 289 -49.09 -3.18 -19.30
CA SER B 289 -48.55 -4.44 -18.79
C SER B 289 -48.04 -4.19 -17.39
N LYS B 290 -47.77 -5.25 -16.66
CA LYS B 290 -47.20 -5.04 -15.34
C LYS B 290 -45.89 -5.76 -15.30
N ILE B 291 -45.05 -5.44 -14.32
CA ILE B 291 -43.74 -6.05 -14.20
C ILE B 291 -43.56 -6.67 -12.80
N PRO B 292 -42.97 -7.85 -12.65
CA PRO B 292 -42.79 -8.39 -11.31
C PRO B 292 -41.68 -7.68 -10.58
N VAL B 293 -41.81 -7.52 -9.27
CA VAL B 293 -40.84 -6.70 -8.56
C VAL B 293 -40.44 -7.41 -7.28
N LYS B 294 -39.14 -7.57 -7.01
CA LYS B 294 -38.80 -8.15 -5.71
C LYS B 294 -37.56 -7.63 -5.04
N ILE B 295 -37.64 -7.46 -3.73
CA ILE B 295 -36.54 -6.90 -3.00
C ILE B 295 -36.25 -7.86 -1.89
N GLU B 296 -35.04 -8.35 -1.86
CA GLU B 296 -34.68 -9.32 -0.89
C GLU B 296 -34.13 -8.66 0.38
N LEU B 297 -34.57 -9.07 1.57
CA LEU B 297 -34.00 -8.48 2.75
C LEU B 297 -33.09 -9.50 3.50
N TYR B 298 -31.89 -9.05 3.87
CA TYR B 298 -30.89 -9.92 4.54
C TYR B 298 -30.47 -9.47 5.92
N LYS B 299 -30.00 -10.45 6.69
CA LYS B 299 -29.21 -10.21 7.89
C LYS B 299 -27.88 -10.94 7.64
N ALA B 300 -26.80 -10.45 8.17
CA ALA B 300 -25.50 -11.08 8.01
C ALA B 300 -24.68 -10.99 9.29
N ASP B 301 -23.99 -12.05 9.62
CA ASP B 301 -23.13 -12.00 10.77
C ASP B 301 -21.75 -12.09 10.24
N ILE B 302 -20.79 -11.49 10.92
CA ILE B 302 -19.44 -11.68 10.48
C ILE B 302 -18.63 -11.61 11.74
N SER B 303 -17.62 -12.47 11.85
CA SER B 303 -16.63 -12.28 12.88
C SER B 303 -15.29 -12.97 12.59
N TYR B 304 -14.21 -12.27 12.96
CA TYR B 304 -12.85 -12.73 12.68
C TYR B 304 -11.87 -11.99 13.57
N PRO B 305 -10.69 -12.58 13.79
CA PRO B 305 -9.59 -11.81 14.39
C PRO B 305 -9.04 -10.80 13.37
N TYR B 306 -8.58 -9.66 13.83
CA TYR B 306 -8.15 -8.62 12.92
C TYR B 306 -6.78 -8.12 13.32
N GLU B 307 -6.03 -7.63 12.33
CA GLU B 307 -4.80 -6.91 12.62
C GLU B 307 -4.66 -5.64 11.79
N PHE B 308 -4.42 -4.52 12.48
CA PHE B 308 -3.89 -3.36 11.80
C PHE B 308 -2.47 -3.10 12.30
N LYS B 309 -1.75 -2.20 11.62
CA LYS B 309 -0.38 -1.81 11.98
C LYS B 309 -0.43 -0.36 12.32
N ALA B 310 0.24 0.07 13.36
CA ALA B 310 0.26 1.48 13.69
C ALA B 310 1.69 2.07 13.44
N ASP B 311 1.82 3.14 12.65
CA ASP B 311 3.15 3.74 12.53
C ASP B 311 3.65 4.42 13.80
N VAL B 312 4.73 3.92 14.33
CA VAL B 312 5.28 4.51 15.56
C VAL B 312 6.17 5.72 15.26
N SER B 313 5.96 6.85 15.91
CA SER B 313 6.94 7.93 15.78
C SER B 313 7.43 8.31 17.15
N TYR B 314 8.61 8.90 17.23
CA TYR B 314 9.12 9.39 18.52
C TYR B 314 10.08 10.58 18.32
N ASP B 315 10.45 11.31 19.38
CA ASP B 315 11.46 12.31 19.29
C ASP B 315 12.70 11.77 19.94
N LEU B 316 13.84 12.06 19.35
CA LEU B 316 15.10 11.56 19.78
C LEU B 316 15.89 12.82 20.18
N THR B 317 16.23 13.01 21.44
CA THR B 317 16.99 14.21 21.87
C THR B 317 18.42 13.79 22.26
N LEU B 318 19.44 14.36 21.58
CA LEU B 318 20.82 14.04 21.91
C LEU B 318 21.30 15.10 22.86
N SER B 319 21.93 14.64 23.94
CA SER B 319 22.42 15.59 24.87
C SER B 319 23.76 15.19 25.49
N GLY B 320 24.69 16.13 25.46
CA GLY B 320 26.04 15.89 25.95
C GLY B 320 26.86 17.08 25.50
N PHE B 321 28.18 17.04 25.71
CA PHE B 321 28.98 18.10 25.15
C PHE B 321 29.48 17.76 23.77
N LEU B 322 29.74 18.79 22.97
CA LEU B 322 30.34 18.62 21.62
C LEU B 322 31.86 18.76 21.60
N ARG B 323 32.53 17.81 20.96
CA ARG B 323 33.95 17.67 21.15
C ARG B 323 34.70 18.87 20.58
N TRP B 324 35.85 19.21 21.18
CA TRP B 324 36.78 20.21 20.64
C TRP B 324 37.35 19.55 19.39
N GLY B 325 37.39 20.30 18.31
CA GLY B 325 38.06 19.75 17.13
C GLY B 325 37.43 18.49 16.51
N GLY B 326 36.12 18.45 16.56
CA GLY B 326 35.42 17.64 15.66
C GLY B 326 34.03 17.49 16.14
N ASN B 327 33.16 18.39 15.68
CA ASN B 327 31.73 18.14 15.88
C ASN B 327 30.98 18.68 14.65
N ALA B 328 29.69 18.39 14.49
CA ALA B 328 29.07 18.80 13.24
C ALA B 328 28.08 19.96 13.33
N TRP B 329 28.18 20.76 14.41
CA TRP B 329 27.27 21.89 14.51
C TRP B 329 27.77 22.92 13.54
N TYR B 330 26.86 23.58 12.82
CA TYR B 330 27.30 24.48 11.72
C TYR B 330 28.33 25.51 12.13
N THR B 331 28.27 26.01 13.37
CA THR B 331 29.28 26.96 13.85
C THR B 331 30.55 26.31 14.36
N HIS B 332 30.64 24.98 14.34
CA HIS B 332 31.87 24.27 14.81
C HIS B 332 32.53 24.80 16.11
N PRO B 333 31.73 24.88 17.18
CA PRO B 333 32.20 25.48 18.41
C PRO B 333 33.42 24.72 18.89
N ASP B 334 34.39 25.40 19.52
CA ASP B 334 35.58 24.68 19.97
C ASP B 334 35.70 24.69 21.48
N ASN B 335 34.62 25.06 22.15
CA ASN B 335 34.65 25.28 23.59
C ASN B 335 33.84 24.28 24.38
N ARG B 336 33.38 23.23 23.72
CA ARG B 336 32.77 22.09 24.39
C ARG B 336 31.43 22.45 25.03
N PRO B 337 30.57 23.09 24.27
CA PRO B 337 29.46 23.60 24.99
C PRO B 337 28.52 22.42 25.19
N ASN B 338 27.65 22.45 26.20
CA ASN B 338 26.63 21.44 26.37
C ASN B 338 25.54 21.56 25.34
N TRP B 339 25.22 20.49 24.62
CA TRP B 339 24.26 20.63 23.54
C TRP B 339 22.95 19.81 23.73
N ASN B 340 21.85 20.16 23.07
CA ASN B 340 20.59 19.41 23.13
C ASN B 340 19.89 19.62 21.82
N HIS B 341 19.66 18.55 21.10
CA HIS B 341 18.97 18.70 19.86
C HIS B 341 17.96 17.60 19.74
N THR B 342 16.79 17.96 19.27
CA THR B 342 15.77 16.97 19.11
C THR B 342 15.50 16.66 17.66
N PHE B 343 15.66 15.41 17.27
CA PHE B 343 15.25 15.06 15.92
C PHE B 343 13.86 14.39 16.03
N VAL B 344 12.92 14.75 15.13
CA VAL B 344 11.62 14.09 15.08
C VAL B 344 11.73 12.92 14.10
N ILE B 345 11.56 11.76 14.66
CA ILE B 345 11.63 10.54 13.93
C ILE B 345 10.24 10.06 13.58
N GLY B 346 9.81 10.45 12.40
CA GLY B 346 8.50 10.11 11.88
C GLY B 346 8.06 11.28 11.03
N PRO B 347 6.77 11.46 10.89
CA PRO B 347 6.29 12.53 10.08
C PRO B 347 6.93 13.84 10.48
N TYR B 348 7.31 14.61 9.45
CA TYR B 348 8.06 15.84 9.55
C TYR B 348 7.38 16.93 10.38
N LYS B 349 8.07 17.60 11.21
CA LYS B 349 7.40 18.66 11.93
C LYS B 349 8.02 19.96 11.52
N ASP B 350 9.35 20.03 11.52
CA ASP B 350 10.03 21.26 11.09
C ASP B 350 11.50 21.03 10.66
N LYS B 351 12.12 22.04 10.08
CA LYS B 351 13.41 21.80 9.47
C LYS B 351 14.45 21.34 10.46
N ALA B 352 14.45 22.01 11.61
CA ALA B 352 15.42 21.81 12.69
C ALA B 352 15.38 20.38 13.20
N SER B 353 14.21 19.75 13.09
CA SER B 353 14.13 18.49 13.71
C SER B 353 14.14 17.38 12.67
N SER B 354 14.57 17.72 11.44
CA SER B 354 14.41 16.72 10.37
C SER B 354 15.72 16.39 9.63
N ILE B 355 16.20 15.19 9.92
CA ILE B 355 17.43 14.73 9.34
C ILE B 355 17.28 14.73 7.82
N ARG B 356 16.18 14.20 7.33
CA ARG B 356 15.98 14.14 5.84
C ARG B 356 16.09 15.53 5.18
N TYR B 357 15.45 16.51 5.79
CA TYR B 357 15.46 17.81 5.20
C TYR B 357 16.89 18.28 5.24
N GLN B 358 17.53 18.11 6.39
CA GLN B 358 18.80 18.81 6.55
C GLN B 358 19.83 18.16 5.60
N TRP B 359 19.70 16.83 5.47
CA TRP B 359 20.57 16.07 4.66
C TRP B 359 20.34 16.34 3.22
N ASP B 360 19.10 16.22 2.70
CA ASP B 360 18.82 16.61 1.32
C ASP B 360 19.16 18.03 0.91
N LYS B 361 19.21 18.97 1.84
CA LYS B 361 19.48 20.37 1.49
C LYS B 361 20.90 20.75 1.84
N ARG B 362 21.75 19.77 2.09
CA ARG B 362 23.07 20.08 2.70
C ARG B 362 23.98 20.83 1.71
N TYR B 363 23.63 20.93 0.42
CA TYR B 363 24.43 21.68 -0.58
C TYR B 363 23.86 23.07 -0.76
N ILE B 364 22.84 23.41 0.00
CA ILE B 364 22.30 24.73 -0.06
C ILE B 364 22.72 25.59 1.16
N PRO B 365 23.76 26.37 0.98
CA PRO B 365 24.42 27.16 2.06
C PRO B 365 23.42 27.90 3.00
N GLY B 366 22.46 28.64 2.39
CA GLY B 366 21.39 29.30 3.13
C GLY B 366 20.59 28.37 4.04
N GLU B 367 20.54 27.10 3.69
CA GLU B 367 19.72 26.17 4.48
C GLU B 367 20.42 25.59 5.69
N VAL B 368 21.76 25.74 5.80
CA VAL B 368 22.54 25.00 6.80
C VAL B 368 22.59 25.75 8.09
N LYS B 369 21.52 25.66 8.87
CA LYS B 369 21.42 26.39 10.10
C LYS B 369 21.44 25.46 11.29
N TRP B 370 21.73 24.18 11.06
CA TRP B 370 21.76 23.27 12.21
C TRP B 370 23.02 22.40 12.23
N TRP B 371 22.92 21.20 11.73
CA TRP B 371 24.03 20.31 11.61
C TRP B 371 24.64 20.46 10.22
N ASP B 372 25.93 20.22 10.15
CA ASP B 372 26.64 20.30 8.89
C ASP B 372 26.81 18.88 8.38
N TRP B 373 25.81 18.39 7.65
CA TRP B 373 25.90 17.00 7.25
C TRP B 373 27.14 16.69 6.39
N ASN B 374 27.58 17.66 5.60
CA ASN B 374 28.76 17.43 4.71
C ASN B 374 29.97 17.16 5.53
N TRP B 375 30.04 17.82 6.69
CA TRP B 375 31.17 17.56 7.53
C TRP B 375 31.10 16.09 7.91
N THR B 376 29.92 15.53 8.10
CA THR B 376 29.92 14.16 8.64
C THR B 376 30.38 13.19 7.50
N ILE B 377 30.14 13.60 6.27
CA ILE B 377 30.56 12.83 5.12
C ILE B 377 32.09 12.96 4.98
N GLN B 378 32.54 14.19 5.16
CA GLN B 378 33.96 14.51 5.18
C GLN B 378 34.65 13.54 6.20
N GLN B 379 34.03 13.36 7.35
CA GLN B 379 34.57 12.52 8.43
C GLN B 379 34.55 11.01 8.24
N ASN B 380 33.45 10.53 7.64
CA ASN B 380 33.12 9.11 7.61
C ASN B 380 32.81 8.61 6.20
N GLY B 381 32.71 9.47 5.23
CA GLY B 381 32.35 8.87 4.00
C GLY B 381 30.88 8.75 3.80
N LEU B 382 30.48 8.83 2.55
CA LEU B 382 29.07 9.08 2.19
C LEU B 382 28.36 7.85 2.62
N SER B 383 28.92 6.71 2.21
CA SER B 383 28.43 5.39 2.61
C SER B 383 27.95 5.16 4.02
N THR B 384 28.89 5.38 4.97
CA THR B 384 28.70 5.14 6.39
C THR B 384 27.56 5.99 6.88
N MET B 385 27.54 7.24 6.43
CA MET B 385 26.40 8.10 6.84
C MET B 385 25.10 7.63 6.24
N GLN B 386 25.11 7.23 4.97
CA GLN B 386 23.86 6.83 4.39
C GLN B 386 23.31 5.64 5.16
N ASN B 387 24.18 4.72 5.54
CA ASN B 387 23.70 3.48 6.14
C ASN B 387 23.31 3.68 7.62
N ASN B 388 23.99 4.58 8.28
CA ASN B 388 23.65 4.89 9.68
C ASN B 388 22.33 5.57 9.70
N LEU B 389 22.17 6.56 8.85
CA LEU B 389 20.94 7.37 8.88
C LEU B 389 19.81 6.53 8.35
N ALA B 390 20.08 5.60 7.44
CA ALA B 390 18.96 4.79 6.98
C ALA B 390 18.38 3.99 8.16
N ARG B 391 19.28 3.60 9.09
CA ARG B 391 18.90 2.75 10.23
C ARG B 391 18.22 3.59 11.25
N VAL B 392 18.73 4.79 11.51
CA VAL B 392 18.12 5.66 12.48
C VAL B 392 16.68 5.99 12.07
N LEU B 393 16.45 6.19 10.75
CA LEU B 393 15.15 6.60 10.19
C LEU B 393 14.27 5.45 9.78
N ARG B 394 14.69 4.24 10.07
CA ARG B 394 13.92 3.09 9.64
C ARG B 394 12.53 3.15 10.24
N PRO B 395 11.55 2.96 9.41
CA PRO B 395 10.14 2.98 9.86
C PRO B 395 9.80 1.78 10.75
N VAL B 396 9.13 2.11 11.84
CA VAL B 396 8.74 1.18 12.86
C VAL B 396 7.22 1.08 12.93
N ARG B 397 6.65 -0.11 12.86
CA ARG B 397 5.21 -0.23 13.03
C ARG B 397 4.95 -1.20 14.17
N ALA B 398 3.80 -1.10 14.79
CA ALA B 398 3.41 -2.01 15.87
C ALA B 398 2.07 -2.65 15.49
N GLY B 399 1.85 -3.90 15.85
CA GLY B 399 0.66 -4.56 15.47
C GLY B 399 -0.39 -4.19 16.53
N ILE B 400 -1.63 -3.94 16.09
CA ILE B 400 -2.76 -3.70 16.98
C ILE B 400 -3.82 -4.69 16.61
N THR B 401 -4.15 -5.58 17.55
CA THR B 401 -4.94 -6.77 17.28
C THR B 401 -6.15 -6.89 18.14
N GLY B 402 -7.08 -7.75 17.76
CA GLY B 402 -8.29 -7.93 18.57
C GLY B 402 -9.31 -8.72 17.80
N ASP B 403 -10.44 -9.03 18.42
CA ASP B 403 -11.47 -9.72 17.68
C ASP B 403 -12.56 -8.73 17.25
N PHE B 404 -13.13 -8.96 16.05
CA PHE B 404 -14.18 -8.13 15.51
C PHE B 404 -15.52 -8.84 15.34
N SER B 405 -16.59 -8.09 15.54
CA SER B 405 -17.85 -8.73 15.39
C SER B 405 -18.97 -7.82 15.02
N ALA B 406 -19.67 -8.18 13.94
CA ALA B 406 -20.79 -7.40 13.43
C ALA B 406 -21.97 -8.27 12.98
N GLU B 407 -23.13 -7.63 12.88
CA GLU B 407 -24.32 -8.19 12.31
C GLU B 407 -25.00 -6.95 11.73
N SER B 408 -25.57 -7.06 10.54
CA SER B 408 -26.26 -5.93 9.99
C SER B 408 -27.29 -6.47 9.08
N GLN B 409 -28.23 -5.60 8.75
CA GLN B 409 -29.32 -5.92 7.86
C GLN B 409 -29.40 -4.93 6.76
N PHE B 410 -29.81 -5.41 5.59
CA PHE B 410 -29.82 -4.58 4.42
C PHE B 410 -30.75 -5.18 3.42
N ALA B 411 -30.99 -4.38 2.40
CA ALA B 411 -31.81 -4.79 1.30
C ALA B 411 -30.98 -4.92 0.05
N GLY B 412 -31.21 -6.00 -0.66
CA GLY B 412 -30.67 -6.20 -2.00
C GLY B 412 -31.21 -5.18 -2.99
N ASN B 413 -30.72 -5.22 -4.22
CA ASN B 413 -31.18 -4.27 -5.23
C ASN B 413 -32.62 -4.57 -5.58
N ILE B 414 -33.47 -3.57 -5.76
CA ILE B 414 -34.82 -3.89 -6.23
C ILE B 414 -34.65 -4.61 -7.53
N GLU B 415 -35.15 -5.82 -7.65
CA GLU B 415 -35.05 -6.57 -8.89
C GLU B 415 -36.36 -6.65 -9.63
N ILE B 416 -36.24 -6.61 -10.95
CA ILE B 416 -37.33 -6.38 -11.90
C ILE B 416 -37.37 -7.53 -12.88
N GLY B 417 -38.59 -7.94 -13.22
CA GLY B 417 -38.82 -9.10 -14.04
C GLY B 417 -39.26 -8.78 -15.46
N ALA B 418 -39.48 -9.83 -16.21
CA ALA B 418 -40.15 -9.78 -17.49
C ALA B 418 -41.59 -9.26 -17.36
N PRO B 419 -41.87 -8.17 -18.10
CA PRO B 419 -43.16 -7.55 -18.27
C PRO B 419 -44.18 -8.53 -18.84
N VAL B 420 -45.36 -8.59 -18.26
CA VAL B 420 -46.36 -9.54 -18.67
C VAL B 420 -47.56 -8.68 -18.99
N PRO B 421 -48.48 -9.17 -19.80
CA PRO B 421 -49.61 -8.30 -20.00
C PRO B 421 -50.71 -8.54 -18.94
N LEU B 422 -51.60 -7.56 -18.80
CA LEU B 422 -52.61 -7.48 -17.74
C LEU B 422 -53.78 -8.47 -17.88
N GLY B 440 -46.20 8.30 -13.61
CA GLY B 440 -47.59 7.80 -13.57
C GLY B 440 -47.77 6.30 -13.39
N LEU B 441 -46.72 5.60 -12.92
CA LEU B 441 -46.71 4.11 -12.77
C LEU B 441 -47.37 3.61 -11.48
N ARG B 442 -47.87 2.39 -11.42
CA ARG B 442 -48.51 2.00 -10.16
C ARG B 442 -47.99 0.73 -9.48
N LEU B 443 -47.74 0.85 -8.19
CA LEU B 443 -47.24 -0.25 -7.39
C LEU B 443 -48.35 -1.02 -6.74
N GLU B 444 -48.11 -2.30 -6.59
CA GLU B 444 -48.93 -3.29 -5.94
C GLU B 444 -47.90 -4.25 -5.41
N ILE B 445 -47.32 -3.86 -4.29
CA ILE B 445 -46.23 -4.56 -3.60
C ILE B 445 -46.49 -4.34 -2.14
N PRO B 446 -47.12 -5.33 -1.46
CA PRO B 446 -47.57 -5.16 -0.07
C PRO B 446 -46.40 -5.03 0.87
N LEU B 447 -46.42 -4.05 1.77
CA LEU B 447 -45.41 -3.85 2.78
C LEU B 447 -46.09 -3.97 4.14
N ASP B 448 -45.87 -5.10 4.81
CA ASP B 448 -46.46 -5.35 6.13
C ASP B 448 -45.58 -4.56 7.13
N ALA B 449 -45.91 -3.29 7.32
CA ALA B 449 -45.13 -2.42 8.21
C ALA B 449 -44.73 -3.09 9.50
N GLN B 450 -45.63 -3.95 9.98
CA GLN B 450 -45.51 -4.52 11.31
C GLN B 450 -44.56 -5.69 11.33
N GLU B 451 -44.56 -6.47 10.29
CA GLU B 451 -43.67 -7.58 10.23
C GLU B 451 -42.27 -7.06 10.03
N LEU B 452 -42.11 -6.13 9.08
CA LEU B 452 -40.81 -5.55 8.82
C LEU B 452 -40.28 -4.94 10.08
N SER B 453 -41.13 -4.20 10.77
CA SER B 453 -40.65 -3.54 11.94
C SER B 453 -40.19 -4.65 12.92
N GLY B 454 -40.99 -5.71 13.06
CA GLY B 454 -40.60 -6.85 13.93
C GLY B 454 -39.29 -7.51 13.53
N LEU B 455 -39.06 -7.51 12.23
CA LEU B 455 -37.86 -8.01 11.66
C LEU B 455 -36.68 -7.03 11.80
N GLY B 456 -36.88 -5.76 12.21
CA GLY B 456 -35.77 -4.81 12.29
C GLY B 456 -35.64 -3.85 11.13
N PHE B 457 -36.61 -3.88 10.20
CA PHE B 457 -36.61 -2.99 9.06
C PHE B 457 -37.66 -1.96 9.26
N ASN B 458 -37.25 -0.73 9.56
CA ASN B 458 -38.15 0.31 10.02
C ASN B 458 -38.45 1.35 8.97
N ASN B 459 -39.52 2.12 9.18
CA ASN B 459 -39.95 3.14 8.21
C ASN B 459 -39.68 2.77 6.74
N VAL B 460 -40.16 1.61 6.34
CA VAL B 460 -40.01 1.13 4.97
C VAL B 460 -41.12 1.71 4.06
N SER B 461 -40.76 2.18 2.88
CA SER B 461 -41.76 2.81 2.03
C SER B 461 -41.28 2.66 0.63
N LEU B 462 -42.21 2.40 -0.27
CA LEU B 462 -41.91 2.28 -1.68
C LEU B 462 -42.61 3.43 -2.40
N SER B 463 -41.83 4.19 -3.14
CA SER B 463 -42.40 5.33 -3.82
C SER B 463 -41.99 5.44 -5.28
N VAL B 464 -42.93 5.94 -6.08
CA VAL B 464 -42.73 6.21 -7.51
C VAL B 464 -42.55 7.69 -7.80
N THR B 465 -41.43 8.01 -8.46
CA THR B 465 -41.14 9.41 -8.84
C THR B 465 -40.14 9.52 -10.03
N PRO B 466 -40.30 10.59 -10.86
CA PRO B 466 -39.62 10.94 -12.13
C PRO B 466 -38.08 10.93 -12.17
N ALA B 467 -37.50 10.50 -13.29
CA ALA B 467 -36.04 10.48 -13.47
C ALA B 467 -35.37 11.80 -13.94
N ALA B 468 -36.16 12.83 -14.22
CA ALA B 468 -35.60 14.10 -14.71
C ALA B 468 -35.92 15.29 -13.78
#